data_4CDX
#
_entry.id   4CDX
#
_cell.length_a   599.690
_cell.length_b   599.690
_cell.length_c   599.690
_cell.angle_alpha   90.00
_cell.angle_beta   90.00
_cell.angle_gamma   90.00
#
_symmetry.space_group_name_H-M   'I 2 3'
#
loop_
_entity.id
_entity.type
_entity.pdbx_description
1 polymer VP1
2 polymer VP2
3 polymer VP3
4 polymer VP4
5 non-polymer "1-(5-((3'-METHYL-[1,1'-BIPHENYL]-4-YL)OXY)PENTYL)-3-("
6 non-polymer 'SODIUM ION'
7 water water
#
loop_
_entity_poly.entity_id
_entity_poly.type
_entity_poly.pdbx_seq_one_letter_code
_entity_poly.pdbx_strand_id
1 'polypeptide(L)'
;GDRVADVIESSIGDSVSRALTHALPAPTGQNTQVSSHRLDTGKVPALQAAEIGASSNASDESMIETRCVLNSHSTAETTL
DSFFSRAGLVGEIDLPLKGTTNPNGYANWDIDITGYAQMRRKVELFTYMRFDAEFTFVACTPTGEVVPQLLQYMFVPPGA
PKPDSRESLAWQTATNPSVFVKLSDPPAQVSVPFMSPASAYQWFYDGYPTFGEHKQEKDLEYGACPNNMMGTFSVRTVGT
SKSKYPLVVRIYMRMKHVRAWIPRPMRNQNYLFKANPNYAGNSIKPTGASRTAITTL
;
A
2 'polypeptide(L)'
;SPSAEACGYSDRVAQLTIGNSTITTQEAANIIVGYGEWPSYCSDSDATAVDKPTRPDVSVNRFYTLDTKLWEKSSKGWYW
KFPDVLTETGVFGQNAQFHYLYRSGFCIHVQCNASKFHQGALLVAVLPEYVIGTVAGGTGTEDTHPPYKQTQPGADGFEL
QHPYVLDAGIPISQLTVCPHQWINLRTNNCATIIVPYINALPFDSALNHCNFGLLVVPISPLDYDQGATPVIPITITLAP
MCSEFAGLRQAVTQ
;
B
3 'polypeptide(L)'
;GFPTELKPGTNQFLTTDDGVSAPILPNFHPTPCIHIPGEVRNLLELCQVETILEVNNVPTNATSLMERLRFPVSAQAGKG
ELCAVFRADPGRNGPWQSTLLGQLCGYYTQWSGSLEVTFMFTGSFMATGKMLIAYTPPGGPLPKDRATAMLGTHVIWDFG
LQSSVTLVIPWISNTHYRAHARDGVFDYYTTGLVSIWYQTNYVVPIGAPNTAYIIALAAAQKNFTMKLCKDASDILQTGT
IQ
;
C
4 'polypeptide(L)' MGSQVSTQRSGSHENSNSATEGSTINYTTINYYKDSYAATAGKQSLKQDPDKFANPVKDIFTEMAAPLK D
#
# COMPACT_ATOMS: atom_id res chain seq x y z
N GLY A 1 26.18 -11.39 37.50
CA GLY A 1 27.27 -11.34 36.47
C GLY A 1 27.18 -12.47 35.47
N ASP A 2 27.87 -12.31 34.33
CA ASP A 2 27.88 -13.33 33.28
C ASP A 2 29.25 -13.98 33.19
N ARG A 3 29.28 -15.22 32.71
CA ARG A 3 30.55 -15.95 32.61
C ARG A 3 30.68 -16.92 31.42
N VAL A 4 29.64 -17.69 31.12
CA VAL A 4 29.72 -18.61 29.97
C VAL A 4 29.78 -17.77 28.69
N ALA A 5 30.62 -18.19 27.75
CA ALA A 5 30.81 -17.44 26.52
C ALA A 5 29.57 -17.14 25.66
N ASP A 6 28.72 -18.14 25.41
CA ASP A 6 27.55 -17.90 24.56
C ASP A 6 26.70 -16.74 25.03
N VAL A 7 26.74 -16.46 26.32
CA VAL A 7 25.96 -15.37 26.89
C VAL A 7 26.65 -14.03 26.62
N ILE A 8 27.94 -13.99 26.90
CA ILE A 8 28.74 -12.78 26.68
C ILE A 8 28.68 -12.31 25.22
N GLU A 9 28.75 -13.27 24.31
CA GLU A 9 28.74 -12.95 22.88
C GLU A 9 27.38 -12.91 22.21
N SER A 10 26.30 -13.19 22.93
CA SER A 10 24.98 -13.19 22.29
C SER A 10 24.51 -11.78 21.93
N SER A 11 23.61 -11.72 20.95
CA SER A 11 23.05 -10.46 20.48
C SER A 11 21.65 -10.25 21.05
N ILE A 12 21.24 -11.14 21.95
CA ILE A 12 19.93 -11.06 22.59
C ILE A 12 19.79 -9.70 23.26
N GLY A 13 18.78 -8.93 22.85
CA GLY A 13 18.58 -7.62 23.45
C GLY A 13 18.96 -6.39 22.62
N ASP A 14 19.50 -6.59 21.42
CA ASP A 14 19.88 -5.48 20.56
C ASP A 14 18.63 -4.71 20.14
N SER A 15 18.48 -3.48 20.64
CA SER A 15 17.32 -2.63 20.36
C SER A 15 17.55 -1.67 19.20
N VAL A 16 18.77 -1.69 18.65
CA VAL A 16 19.14 -0.84 17.53
C VAL A 16 18.80 -1.55 16.23
N SER A 17 17.65 -1.22 15.66
CA SER A 17 17.21 -1.85 14.41
C SER A 17 18.07 -1.41 13.23
N ARG A 18 18.97 -2.29 12.79
CA ARG A 18 19.84 -2.00 11.65
C ARG A 18 18.98 -1.69 10.43
N ALA A 19 19.28 -0.58 9.77
CA ALA A 19 18.55 -0.18 8.57
C ALA A 19 19.46 -0.28 7.34
N LEU A 20 18.94 -0.83 6.26
CA LEU A 20 19.72 -0.99 5.03
C LEU A 20 19.67 0.22 4.09
N THR A 21 18.75 1.16 4.37
CA THR A 21 18.60 2.34 3.52
C THR A 21 18.45 3.62 4.34
N HIS A 22 18.87 4.74 3.75
CA HIS A 22 18.73 6.03 4.42
C HIS A 22 18.15 7.03 3.43
N ALA A 23 17.42 8.01 3.94
CA ALA A 23 16.79 9.03 3.11
C ALA A 23 17.77 10.11 2.71
N LEU A 24 17.65 10.56 1.46
CA LEU A 24 18.50 11.61 0.95
C LEU A 24 17.60 12.76 0.51
N PRO A 25 18.14 13.98 0.46
CA PRO A 25 17.37 15.15 0.05
C PRO A 25 17.09 15.09 -1.45
N ALA A 26 15.85 15.38 -1.84
CA ALA A 26 15.47 15.33 -3.24
C ALA A 26 14.37 16.35 -3.49
N PRO A 27 14.75 17.63 -3.55
CA PRO A 27 13.85 18.76 -3.79
C PRO A 27 13.40 18.91 -5.24
N THR A 28 14.16 18.32 -6.16
CA THR A 28 13.83 18.36 -7.58
C THR A 28 14.05 17.01 -8.22
N GLY A 29 13.47 16.84 -9.41
CA GLY A 29 13.65 15.61 -10.14
C GLY A 29 15.12 15.48 -10.50
N GLN A 30 15.58 14.24 -10.66
CA GLN A 30 16.96 14.02 -10.98
C GLN A 30 17.29 14.53 -12.38
N ASN A 31 18.51 15.00 -12.56
CA ASN A 31 18.93 15.52 -13.84
C ASN A 31 19.33 14.38 -14.75
N THR A 32 19.58 14.70 -16.02
CA THR A 32 20.01 13.71 -16.96
C THR A 32 21.42 14.08 -17.36
N GLN A 33 22.31 13.10 -17.39
CA GLN A 33 23.70 13.33 -17.76
C GLN A 33 23.96 12.91 -19.21
N VAL A 34 24.94 13.55 -19.83
CA VAL A 34 25.27 13.19 -21.21
C VAL A 34 25.75 11.74 -21.24
N SER A 35 25.48 11.03 -22.34
CA SER A 35 25.92 9.65 -22.48
C SER A 35 26.24 9.40 -23.94
N SER A 36 27.00 8.34 -24.19
CA SER A 36 27.37 7.98 -25.56
C SER A 36 27.23 6.49 -25.78
N HIS A 37 27.61 6.07 -26.98
CA HIS A 37 27.51 4.66 -27.32
C HIS A 37 28.51 3.85 -26.52
N ARG A 38 28.02 2.71 -26.05
CA ARG A 38 28.81 1.76 -25.29
C ARG A 38 28.59 0.41 -25.97
N LEU A 39 29.70 -0.21 -26.38
CA LEU A 39 29.65 -1.50 -27.05
C LEU A 39 30.51 -2.45 -26.20
N ASP A 40 30.02 -2.74 -25.00
CA ASP A 40 30.74 -3.60 -24.05
C ASP A 40 30.17 -4.98 -23.73
N THR A 41 31.08 -5.87 -23.35
CA THR A 41 30.73 -7.23 -22.92
C THR A 41 30.77 -7.18 -21.38
N GLY A 42 30.10 -8.10 -20.71
CA GLY A 42 30.10 -8.09 -19.25
C GLY A 42 29.17 -7.04 -18.70
N LYS A 43 29.11 -5.88 -19.36
CA LYS A 43 28.24 -4.77 -18.96
C LYS A 43 26.84 -5.00 -19.53
N VAL A 44 25.83 -5.01 -18.67
CA VAL A 44 24.47 -5.24 -19.14
C VAL A 44 23.35 -4.69 -18.22
N PRO A 45 23.13 -3.36 -18.24
CA PRO A 45 22.13 -2.63 -17.45
C PRO A 45 20.70 -3.03 -17.80
N ALA A 46 20.47 -3.25 -19.09
CA ALA A 46 19.16 -3.61 -19.61
C ALA A 46 18.61 -4.91 -19.03
N LEU A 47 19.49 -5.87 -18.77
CA LEU A 47 19.05 -7.15 -18.22
C LEU A 47 18.86 -7.08 -16.71
N GLN A 48 17.75 -7.66 -16.24
CA GLN A 48 17.41 -7.66 -14.83
C GLN A 48 16.91 -9.04 -14.39
N ALA A 49 16.59 -9.16 -13.11
CA ALA A 49 16.07 -10.39 -12.53
C ALA A 49 14.97 -9.95 -11.57
N ALA A 50 13.79 -9.69 -12.12
CA ALA A 50 12.66 -9.22 -11.32
C ALA A 50 12.33 -10.16 -10.17
N GLU A 51 12.78 -11.41 -10.27
CA GLU A 51 12.50 -12.38 -9.22
C GLU A 51 13.02 -11.92 -7.86
N ILE A 52 14.16 -11.24 -7.86
CA ILE A 52 14.77 -10.74 -6.64
C ILE A 52 13.79 -9.94 -5.78
N GLY A 53 12.88 -9.22 -6.44
CA GLY A 53 11.92 -8.42 -5.71
C GLY A 53 12.22 -6.93 -5.76
N ALA A 54 13.25 -6.54 -6.51
CA ALA A 54 13.60 -5.14 -6.62
C ALA A 54 13.29 -4.61 -8.00
N SER A 55 13.05 -3.30 -8.06
CA SER A 55 12.72 -2.66 -9.32
C SER A 55 13.99 -2.46 -10.13
N SER A 56 13.82 -2.20 -11.42
CA SER A 56 14.96 -2.01 -12.30
C SER A 56 15.81 -0.82 -11.91
N ASN A 57 17.12 -1.01 -12.05
CA ASN A 57 18.11 0.00 -11.75
C ASN A 57 18.59 0.68 -13.04
N ALA A 58 18.11 0.20 -14.18
CA ALA A 58 18.50 0.78 -15.47
C ALA A 58 17.97 2.20 -15.59
N SER A 59 18.81 3.09 -16.10
CA SER A 59 18.44 4.49 -16.29
C SER A 59 18.53 4.90 -17.75
N ASP A 60 17.97 6.07 -18.05
CA ASP A 60 17.96 6.60 -19.40
C ASP A 60 19.35 6.58 -20.01
N GLU A 61 20.31 7.13 -19.28
CA GLU A 61 21.70 7.24 -19.70
C GLU A 61 22.32 5.96 -20.25
N SER A 62 21.95 4.82 -19.67
CA SER A 62 22.49 3.53 -20.09
C SER A 62 21.69 2.80 -21.17
N MET A 63 20.53 3.33 -21.53
CA MET A 63 19.72 2.67 -22.54
C MET A 63 19.71 3.40 -23.88
N ILE A 64 19.98 4.70 -23.88
CA ILE A 64 20.02 5.48 -25.12
C ILE A 64 21.03 6.62 -24.96
N GLU A 65 21.40 7.26 -26.06
CA GLU A 65 22.32 8.39 -25.97
C GLU A 65 21.50 9.60 -25.55
N THR A 66 21.79 10.10 -24.36
CA THR A 66 21.09 11.24 -23.80
C THR A 66 21.92 12.51 -23.79
N ARG A 67 21.25 13.63 -23.68
CA ARG A 67 21.88 14.93 -23.63
C ARG A 67 21.89 15.27 -22.15
N CYS A 68 22.37 16.46 -21.81
CA CYS A 68 22.37 16.88 -20.43
C CYS A 68 21.12 17.69 -20.20
N VAL A 69 20.40 17.42 -19.12
CA VAL A 69 19.21 18.17 -18.81
C VAL A 69 19.22 18.55 -17.35
N LEU A 70 19.06 19.85 -17.07
CA LEU A 70 19.03 20.33 -15.70
C LEU A 70 17.57 20.45 -15.29
N ASN A 71 17.14 19.45 -14.54
CA ASN A 71 15.78 19.32 -14.08
C ASN A 71 15.53 20.05 -12.78
N SER A 72 14.75 21.12 -12.85
CA SER A 72 14.44 21.91 -11.68
C SER A 72 12.99 21.68 -11.24
N HIS A 73 12.34 20.65 -11.80
CA HIS A 73 10.96 20.34 -11.45
C HIS A 73 10.89 19.96 -9.97
N SER A 74 10.02 20.63 -9.22
CA SER A 74 9.88 20.39 -7.79
C SER A 74 9.13 19.13 -7.37
N THR A 75 9.53 18.59 -6.22
CA THR A 75 8.92 17.39 -5.67
C THR A 75 8.08 17.75 -4.45
N ALA A 76 7.86 19.04 -4.25
CA ALA A 76 7.11 19.52 -3.10
C ALA A 76 5.65 19.10 -2.99
N GLU A 77 4.92 19.10 -4.11
CA GLU A 77 3.51 18.75 -4.07
C GLU A 77 3.18 17.29 -3.82
N THR A 78 4.19 16.43 -3.76
CA THR A 78 3.88 15.03 -3.52
C THR A 78 4.23 14.57 -2.10
N THR A 79 4.41 15.52 -1.20
CA THR A 79 4.69 15.18 0.21
C THR A 79 3.36 14.76 0.85
N LEU A 80 3.43 14.02 1.94
CA LEU A 80 2.20 13.60 2.59
C LEU A 80 1.29 14.76 2.94
N ASP A 81 1.82 15.80 3.59
CA ASP A 81 0.99 16.96 3.96
C ASP A 81 0.36 17.61 2.73
N SER A 82 1.08 17.68 1.62
CA SER A 82 0.54 18.30 0.39
C SER A 82 -0.66 17.53 -0.17
N PHE A 83 -0.57 16.21 -0.10
CA PHE A 83 -1.59 15.30 -0.60
C PHE A 83 -2.82 15.20 0.30
N PHE A 84 -2.60 15.19 1.61
CA PHE A 84 -3.69 15.03 2.56
C PHE A 84 -4.29 16.28 3.19
N SER A 85 -3.52 17.35 3.28
CA SER A 85 -4.01 18.56 3.92
C SER A 85 -4.92 19.38 3.02
N ARG A 86 -6.05 18.78 2.67
CA ARG A 86 -7.05 19.39 1.83
C ARG A 86 -8.35 18.91 2.44
N ALA A 87 -9.14 19.83 2.96
CA ALA A 87 -10.40 19.50 3.59
C ALA A 87 -11.33 18.78 2.62
N GLY A 88 -11.89 17.66 3.08
CA GLY A 88 -12.81 16.88 2.28
C GLY A 88 -13.98 16.44 3.16
N LEU A 89 -15.13 16.17 2.54
CA LEU A 89 -16.32 15.75 3.30
C LEU A 89 -16.13 14.38 3.94
N VAL A 90 -16.43 14.25 5.23
CA VAL A 90 -16.28 12.97 5.92
C VAL A 90 -17.53 12.59 6.74
N GLY A 91 -18.47 13.51 6.83
CA GLY A 91 -19.68 13.24 7.57
C GLY A 91 -20.79 14.21 7.24
N GLU A 92 -22.02 13.72 7.24
CA GLU A 92 -23.22 14.52 6.97
C GLU A 92 -24.22 14.11 8.05
N ILE A 93 -24.80 15.11 8.72
CA ILE A 93 -25.77 14.85 9.79
C ILE A 93 -27.06 15.63 9.56
N ASP A 94 -28.18 14.92 9.56
CA ASP A 94 -29.48 15.53 9.35
C ASP A 94 -30.25 15.78 10.64
N LEU A 95 -30.95 16.89 10.67
CA LEU A 95 -31.79 17.27 11.81
C LEU A 95 -33.08 17.82 11.22
N PRO A 96 -33.92 16.92 10.71
CA PRO A 96 -35.19 17.32 10.10
C PRO A 96 -36.21 17.64 11.18
N LEU A 97 -37.36 18.17 10.77
CA LEU A 97 -38.44 18.52 11.70
C LEU A 97 -39.33 17.30 11.83
N LYS A 98 -40.08 17.04 10.78
CA LYS A 98 -40.97 15.89 10.71
C LYS A 98 -40.13 14.84 10.00
N GLY A 99 -39.69 13.84 10.75
CA GLY A 99 -38.88 12.81 10.13
C GLY A 99 -38.86 11.44 10.80
N THR A 100 -38.06 10.55 10.20
CA THR A 100 -37.90 9.20 10.68
C THR A 100 -36.59 9.05 11.46
N THR A 101 -35.59 9.82 11.05
CA THR A 101 -34.28 9.77 11.68
C THR A 101 -34.17 10.55 13.00
N ASN A 102 -33.80 11.83 12.91
CA ASN A 102 -33.62 12.66 14.10
C ASN A 102 -34.67 13.78 14.24
N PRO A 103 -35.93 13.42 14.53
CA PRO A 103 -37.02 14.38 14.69
C PRO A 103 -37.11 14.94 16.10
N ASN A 104 -35.98 14.90 16.82
CA ASN A 104 -35.97 15.38 18.19
C ASN A 104 -35.05 16.57 18.43
N GLY A 105 -34.50 17.13 17.36
CA GLY A 105 -33.63 18.29 17.51
C GLY A 105 -32.20 18.04 17.94
N TYR A 106 -31.75 16.79 17.92
CA TYR A 106 -30.38 16.47 18.29
C TYR A 106 -29.95 15.24 17.53
N ALA A 107 -28.66 14.93 17.58
CA ALA A 107 -28.14 13.76 16.88
C ALA A 107 -26.75 13.39 17.33
N ASN A 108 -26.46 12.08 17.30
CA ASN A 108 -25.16 11.57 17.68
C ASN A 108 -24.50 10.87 16.49
N TRP A 109 -23.25 11.22 16.22
CA TRP A 109 -22.52 10.66 15.10
C TRP A 109 -21.20 10.06 15.53
N ASP A 110 -21.04 8.76 15.31
CA ASP A 110 -19.79 8.12 15.65
C ASP A 110 -18.73 8.62 14.70
N ILE A 111 -17.67 9.15 15.29
CA ILE A 111 -16.58 9.70 14.51
C ILE A 111 -15.82 8.64 13.73
N ASP A 112 -16.26 8.44 12.48
CA ASP A 112 -15.68 7.48 11.54
C ASP A 112 -15.75 8.15 10.17
N ILE A 113 -14.61 8.34 9.53
CA ILE A 113 -14.61 9.00 8.24
C ILE A 113 -14.71 8.06 7.04
N THR A 114 -14.99 6.79 7.27
CA THR A 114 -15.05 5.85 6.17
C THR A 114 -16.35 5.77 5.39
N GLY A 115 -17.24 6.72 5.58
CA GLY A 115 -18.49 6.68 4.85
C GLY A 115 -18.45 7.44 3.54
N TYR A 116 -17.28 7.99 3.20
CA TYR A 116 -17.11 8.75 1.95
C TYR A 116 -15.90 8.30 1.14
N ALA A 117 -16.19 7.80 -0.06
CA ALA A 117 -15.19 7.25 -0.95
C ALA A 117 -13.96 8.06 -1.32
N GLN A 118 -14.09 9.34 -1.65
CA GLN A 118 -12.92 10.11 -2.03
C GLN A 118 -11.85 10.13 -0.96
N MET A 119 -12.24 10.51 0.24
CA MET A 119 -11.31 10.58 1.36
C MET A 119 -10.80 9.20 1.76
N ARG A 120 -11.72 8.26 1.90
CA ARG A 120 -11.38 6.90 2.31
C ARG A 120 -10.32 6.25 1.44
N ARG A 121 -10.48 6.33 0.13
CA ARG A 121 -9.52 5.72 -0.76
C ARG A 121 -8.12 6.28 -0.58
N LYS A 122 -8.04 7.58 -0.35
CA LYS A 122 -6.76 8.25 -0.16
C LYS A 122 -6.03 7.77 1.09
N VAL A 123 -6.71 7.79 2.23
CA VAL A 123 -6.05 7.36 3.45
C VAL A 123 -5.77 5.86 3.46
N GLU A 124 -6.58 5.07 2.76
CA GLU A 124 -6.37 3.62 2.75
C GLU A 124 -5.21 3.18 1.88
N LEU A 125 -4.40 4.16 1.46
CA LEU A 125 -3.23 3.86 0.65
C LEU A 125 -2.16 3.42 1.64
N PHE A 126 -2.35 3.82 2.89
CA PHE A 126 -1.41 3.50 3.95
C PHE A 126 -2.09 2.67 5.02
N THR A 127 -1.29 1.87 5.74
CA THR A 127 -1.80 1.02 6.79
C THR A 127 -1.89 1.76 8.13
N TYR A 128 -0.85 2.54 8.43
CA TYR A 128 -0.81 3.30 9.67
C TYR A 128 -0.65 4.79 9.37
N MET A 129 -1.38 5.62 10.10
CA MET A 129 -1.30 7.06 9.93
C MET A 129 -1.43 7.77 11.26
N ARG A 130 -0.62 8.80 11.43
CA ARG A 130 -0.61 9.59 12.64
C ARG A 130 -0.73 11.03 12.15
N PHE A 131 -1.65 11.79 12.73
CA PHE A 131 -1.86 13.16 12.30
C PHE A 131 -2.74 13.99 13.21
N ASP A 132 -2.68 15.30 13.04
CA ASP A 132 -3.53 16.22 13.77
C ASP A 132 -4.53 16.58 12.69
N ALA A 133 -5.60 17.27 13.05
CA ALA A 133 -6.59 17.61 12.03
C ALA A 133 -7.36 18.87 12.33
N GLU A 134 -7.87 19.48 11.27
CA GLU A 134 -8.66 20.69 11.39
C GLU A 134 -10.05 20.33 10.90
N PHE A 135 -11.04 20.45 11.77
CA PHE A 135 -12.40 20.15 11.39
C PHE A 135 -13.25 21.39 11.19
N THR A 136 -14.02 21.40 10.11
CA THR A 136 -14.89 22.50 9.78
C THR A 136 -16.33 22.00 9.69
N PHE A 137 -17.24 22.74 10.31
CA PHE A 137 -18.66 22.38 10.32
C PHE A 137 -19.50 23.40 9.56
N VAL A 138 -20.07 22.93 8.46
CA VAL A 138 -20.90 23.76 7.60
C VAL A 138 -22.38 23.39 7.77
N ALA A 139 -23.15 24.33 8.30
CA ALA A 139 -24.57 24.10 8.53
C ALA A 139 -25.48 25.01 7.71
N CYS A 140 -26.63 24.47 7.33
CA CYS A 140 -27.60 25.22 6.55
C CYS A 140 -28.82 24.34 6.39
N THR A 141 -29.88 24.89 5.82
CA THR A 141 -31.08 24.11 5.61
C THR A 141 -30.85 23.22 4.40
N PRO A 142 -31.77 22.30 4.14
CA PRO A 142 -31.64 21.39 3.00
C PRO A 142 -31.56 22.07 1.65
N THR A 143 -31.97 23.33 1.57
CA THR A 143 -31.93 24.06 0.32
C THR A 143 -30.66 24.88 0.21
N GLY A 144 -29.89 24.88 1.30
CA GLY A 144 -28.65 25.64 1.32
C GLY A 144 -28.89 27.03 1.87
N GLU A 145 -30.06 27.22 2.47
CA GLU A 145 -30.42 28.51 3.05
C GLU A 145 -29.84 28.70 4.45
N VAL A 146 -29.57 29.94 4.80
CA VAL A 146 -29.03 30.29 6.10
C VAL A 146 -30.16 30.87 6.94
N VAL A 147 -30.30 30.38 8.16
CA VAL A 147 -31.35 30.84 9.06
C VAL A 147 -30.77 31.16 10.44
N PRO A 148 -31.40 32.09 11.17
CA PRO A 148 -30.98 32.52 12.51
C PRO A 148 -31.24 31.44 13.56
N GLN A 149 -30.40 30.43 13.55
CA GLN A 149 -30.53 29.31 14.47
C GLN A 149 -29.21 29.10 15.20
N LEU A 150 -29.29 28.83 16.50
CA LEU A 150 -28.12 28.59 17.31
C LEU A 150 -27.95 27.09 17.57
N LEU A 151 -26.74 26.58 17.32
CA LEU A 151 -26.46 25.17 17.52
C LEU A 151 -25.35 24.95 18.53
N GLN A 152 -25.30 23.73 19.06
CA GLN A 152 -24.24 23.36 19.99
C GLN A 152 -23.63 22.05 19.51
N TYR A 153 -22.32 22.04 19.32
CA TYR A 153 -21.63 20.82 18.92
C TYR A 153 -20.82 20.41 20.13
N MET A 154 -20.91 19.15 20.50
CA MET A 154 -20.15 18.70 21.66
C MET A 154 -19.41 17.42 21.34
N PHE A 155 -18.14 17.38 21.70
CA PHE A 155 -17.33 16.20 21.48
C PHE A 155 -17.50 15.30 22.68
N VAL A 156 -18.02 14.09 22.46
CA VAL A 156 -18.22 13.16 23.56
C VAL A 156 -17.25 11.99 23.43
N PRO A 157 -16.14 12.03 24.20
CA PRO A 157 -15.12 10.98 24.18
C PRO A 157 -15.69 9.69 24.76
N PRO A 158 -15.08 8.55 24.42
CA PRO A 158 -15.56 7.25 24.93
C PRO A 158 -15.63 7.26 26.45
N GLY A 159 -16.79 6.90 26.98
CA GLY A 159 -16.93 6.87 28.44
C GLY A 159 -17.72 8.04 28.99
N ALA A 160 -17.89 9.08 28.18
CA ALA A 160 -18.64 10.26 28.59
C ALA A 160 -20.09 9.99 28.19
N PRO A 161 -21.04 10.53 28.95
CA PRO A 161 -22.46 10.33 28.64
C PRO A 161 -22.91 10.99 27.34
N LYS A 162 -23.51 10.18 26.46
CA LYS A 162 -24.03 10.66 25.18
C LYS A 162 -25.40 11.26 25.41
N PRO A 163 -25.64 12.49 24.94
CA PRO A 163 -26.97 13.06 25.17
C PRO A 163 -28.05 12.18 24.54
N ASP A 164 -29.17 12.03 25.24
CA ASP A 164 -30.28 11.21 24.76
C ASP A 164 -31.45 12.10 24.33
N SER A 165 -31.24 13.40 24.39
CA SER A 165 -32.29 14.33 23.98
C SER A 165 -31.75 15.74 23.88
N ARG A 166 -32.58 16.61 23.31
CA ARG A 166 -32.23 18.00 23.14
C ARG A 166 -32.09 18.68 24.50
N GLU A 167 -32.67 18.07 25.53
CA GLU A 167 -32.63 18.62 26.89
C GLU A 167 -31.76 17.86 27.90
N SER A 168 -31.00 16.89 27.41
CA SER A 168 -30.13 16.09 28.27
C SER A 168 -29.20 16.92 29.14
N LEU A 169 -28.95 16.44 30.36
CA LEU A 169 -28.06 17.13 31.30
C LEU A 169 -26.63 17.20 30.77
N ALA A 170 -26.26 16.23 29.94
CA ALA A 170 -24.92 16.17 29.37
C ALA A 170 -24.51 17.45 28.64
N TRP A 171 -25.50 18.24 28.19
CA TRP A 171 -25.22 19.47 27.45
C TRP A 171 -24.65 20.58 28.34
N GLN A 172 -24.53 20.30 29.63
CA GLN A 172 -23.96 21.28 30.56
C GLN A 172 -22.49 21.45 30.14
N THR A 173 -21.99 20.41 29.49
CA THR A 173 -20.63 20.35 28.95
C THR A 173 -19.53 20.94 29.85
N ALA A 174 -19.58 20.62 31.13
CA ALA A 174 -18.60 21.12 32.10
C ALA A 174 -17.16 20.71 31.84
N THR A 175 -16.98 19.60 31.14
CA THR A 175 -15.62 19.14 30.84
C THR A 175 -15.38 18.82 29.37
N ASN A 176 -16.39 18.26 28.69
CA ASN A 176 -16.25 17.96 27.26
C ASN A 176 -16.12 19.30 26.55
N PRO A 177 -15.47 19.32 25.38
CA PRO A 177 -15.37 20.61 24.69
C PRO A 177 -16.59 20.79 23.80
N SER A 178 -17.18 21.97 23.81
CA SER A 178 -18.35 22.25 22.98
C SER A 178 -18.14 23.53 22.21
N VAL A 179 -18.89 23.68 21.13
CA VAL A 179 -18.83 24.87 20.30
C VAL A 179 -20.24 25.37 20.08
N PHE A 180 -20.50 26.61 20.49
CA PHE A 180 -21.81 27.19 20.28
C PHE A 180 -21.63 28.16 19.11
N VAL A 181 -22.46 28.04 18.10
CA VAL A 181 -22.33 28.91 16.94
C VAL A 181 -23.65 29.02 16.19
N LYS A 182 -23.86 30.13 15.47
CA LYS A 182 -25.08 30.34 14.69
C LYS A 182 -24.87 29.94 13.23
N LEU A 183 -25.95 29.59 12.54
CA LEU A 183 -25.85 29.25 11.12
C LEU A 183 -25.45 30.49 10.35
N SER A 184 -25.84 31.66 10.87
CA SER A 184 -25.51 32.91 10.23
C SER A 184 -24.00 33.18 10.26
N ASP A 185 -23.31 32.64 11.27
CA ASP A 185 -21.87 32.81 11.41
C ASP A 185 -21.13 31.98 10.34
N PRO A 186 -19.82 32.19 10.19
CA PRO A 186 -19.07 31.42 9.19
C PRO A 186 -18.98 30.03 9.76
N PRO A 187 -18.51 29.06 8.97
CA PRO A 187 -18.39 27.68 9.45
C PRO A 187 -17.55 27.63 10.72
N ALA A 188 -17.90 26.75 11.64
CA ALA A 188 -17.12 26.60 12.87
C ALA A 188 -15.85 25.83 12.48
N GLN A 189 -14.74 26.07 13.17
CA GLN A 189 -13.48 25.38 12.83
C GLN A 189 -12.60 25.20 14.07
N VAL A 190 -12.04 24.01 14.22
CA VAL A 190 -11.19 23.72 15.37
C VAL A 190 -10.09 22.76 15.03
N SER A 191 -9.05 22.74 15.87
CA SER A 191 -7.93 21.85 15.67
C SER A 191 -8.05 20.68 16.64
N VAL A 192 -7.76 19.49 16.14
CA VAL A 192 -7.85 18.28 16.92
C VAL A 192 -6.49 17.58 16.91
N PRO A 193 -6.04 17.13 18.08
CA PRO A 193 -4.75 16.45 18.22
C PRO A 193 -4.83 14.96 17.89
N PHE A 194 -3.67 14.31 17.82
CA PHE A 194 -3.66 12.88 17.57
C PHE A 194 -4.08 12.24 18.89
N MET A 195 -5.27 11.65 18.92
CA MET A 195 -5.80 11.08 20.16
C MET A 195 -5.82 9.57 20.44
N SER A 196 -5.22 8.74 19.59
CA SER A 196 -5.27 7.32 19.86
C SER A 196 -4.35 6.84 20.97
N PRO A 197 -4.69 5.72 21.61
CA PRO A 197 -3.85 5.19 22.68
C PRO A 197 -2.64 4.53 22.02
N ALA A 198 -2.76 4.29 20.72
CA ALA A 198 -1.70 3.68 19.93
C ALA A 198 -0.82 4.80 19.35
N SER A 199 0.35 4.44 18.82
CA SER A 199 1.22 5.47 18.27
C SER A 199 0.68 5.94 16.93
N ALA A 200 -0.33 5.25 16.41
CA ALA A 200 -0.91 5.63 15.14
C ALA A 200 -2.28 5.00 14.91
N TYR A 201 -3.12 5.66 14.13
CA TYR A 201 -4.42 5.11 13.80
C TYR A 201 -4.05 4.08 12.74
N GLN A 202 -4.93 3.12 12.46
CA GLN A 202 -4.65 2.16 11.41
C GLN A 202 -5.96 1.85 10.72
N TRP A 203 -5.97 1.99 9.40
CA TRP A 203 -7.18 1.75 8.62
C TRP A 203 -7.46 0.27 8.45
N PHE A 204 -6.53 -0.57 8.86
CA PHE A 204 -6.71 -2.00 8.74
C PHE A 204 -6.17 -2.72 9.96
N TYR A 205 -7.01 -3.54 10.58
CA TYR A 205 -6.64 -4.31 11.76
C TYR A 205 -7.09 -5.74 11.55
N ASP A 206 -6.15 -6.61 11.19
CA ASP A 206 -6.46 -8.02 10.95
C ASP A 206 -6.48 -8.81 12.25
N GLY A 207 -7.57 -8.66 13.00
CA GLY A 207 -7.69 -9.37 14.25
C GLY A 207 -8.98 -9.05 14.97
N TYR A 208 -9.11 -9.56 16.18
CA TYR A 208 -10.30 -9.34 16.98
C TYR A 208 -9.97 -8.45 18.17
N PRO A 209 -10.95 -7.71 18.68
CA PRO A 209 -10.65 -6.83 19.81
C PRO A 209 -10.57 -7.54 21.16
N THR A 210 -11.14 -8.74 21.27
CA THR A 210 -11.13 -9.46 22.53
C THR A 210 -10.77 -10.92 22.39
N PHE A 211 -10.55 -11.55 23.53
CA PHE A 211 -10.22 -12.97 23.58
C PHE A 211 -11.53 -13.76 23.57
N GLY A 212 -11.41 -15.08 23.49
CA GLY A 212 -12.59 -15.93 23.49
C GLY A 212 -12.91 -16.62 22.18
N GLU A 213 -14.07 -17.28 22.13
CA GLU A 213 -14.49 -17.96 20.92
C GLU A 213 -15.03 -16.92 19.97
N HIS A 214 -14.73 -17.07 18.70
CA HIS A 214 -15.18 -16.11 17.73
C HIS A 214 -16.21 -16.76 16.86
N LYS A 215 -17.38 -16.94 17.46
CA LYS A 215 -18.51 -17.57 16.81
C LYS A 215 -19.22 -16.62 15.86
N GLN A 216 -20.00 -17.19 14.94
CA GLN A 216 -20.78 -16.47 13.94
C GLN A 216 -21.28 -15.10 14.37
N GLU A 217 -22.04 -15.07 15.47
CA GLU A 217 -22.61 -13.83 15.98
C GLU A 217 -21.66 -12.74 16.47
N LYS A 218 -20.37 -13.06 16.59
CA LYS A 218 -19.40 -12.05 17.03
C LYS A 218 -18.48 -11.64 15.88
N ASP A 219 -18.70 -12.19 14.69
CA ASP A 219 -17.88 -11.86 13.53
C ASP A 219 -18.04 -10.41 13.11
N LEU A 220 -19.02 -9.74 13.67
CA LEU A 220 -19.23 -8.33 13.35
C LEU A 220 -18.05 -7.59 13.95
N GLU A 221 -17.31 -8.24 14.85
CA GLU A 221 -16.19 -7.56 15.48
C GLU A 221 -14.81 -7.81 14.87
N TYR A 222 -14.74 -8.63 13.83
CA TYR A 222 -13.45 -8.88 13.19
C TYR A 222 -13.01 -7.61 12.49
N GLY A 223 -11.83 -7.14 12.85
CA GLY A 223 -11.29 -5.95 12.22
C GLY A 223 -11.60 -4.68 12.97
N ALA A 224 -12.23 -4.80 14.14
CA ALA A 224 -12.58 -3.64 14.95
C ALA A 224 -11.50 -3.31 15.97
N CYS A 225 -10.89 -2.14 15.83
CA CYS A 225 -9.85 -1.75 16.77
C CYS A 225 -10.20 -0.46 17.51
N PRO A 226 -10.49 -0.58 18.81
CA PRO A 226 -10.85 0.55 19.68
C PRO A 226 -9.92 1.73 19.52
N ASN A 227 -8.67 1.49 19.22
CA ASN A 227 -7.69 2.56 19.06
C ASN A 227 -8.09 3.53 17.96
N ASN A 228 -9.00 3.11 17.08
CA ASN A 228 -9.47 3.98 16.00
C ASN A 228 -10.78 4.69 16.34
N MET A 229 -11.43 4.25 17.43
CA MET A 229 -12.70 4.82 17.84
C MET A 229 -12.51 5.98 18.81
N MET A 230 -12.52 7.19 18.26
CA MET A 230 -12.29 8.39 19.05
C MET A 230 -13.46 8.99 19.78
N GLY A 231 -14.65 8.50 19.50
CA GLY A 231 -15.79 9.05 20.20
C GLY A 231 -16.97 9.50 19.36
N THR A 232 -17.86 10.23 20.00
CA THR A 232 -19.06 10.71 19.37
C THR A 232 -19.12 12.21 19.18
N PHE A 233 -19.77 12.63 18.11
CA PHE A 233 -19.98 14.04 17.81
C PHE A 233 -21.47 14.27 17.99
N SER A 234 -21.83 15.08 18.99
CA SER A 234 -23.24 15.36 19.27
C SER A 234 -23.60 16.79 18.91
N VAL A 235 -24.79 16.97 18.34
CA VAL A 235 -25.27 18.27 17.95
C VAL A 235 -26.73 18.44 18.35
N ARG A 236 -27.13 19.68 18.62
CA ARG A 236 -28.51 19.97 19.00
C ARG A 236 -28.81 21.42 18.70
N THR A 237 -30.09 21.72 18.53
CA THR A 237 -30.52 23.10 18.34
C THR A 237 -30.60 23.50 19.81
N VAL A 238 -30.12 24.70 20.15
CA VAL A 238 -30.11 25.13 21.55
C VAL A 238 -31.41 25.70 22.10
N GLY A 239 -32.32 24.82 22.48
CA GLY A 239 -33.58 25.27 23.03
C GLY A 239 -34.37 24.12 23.62
N THR A 240 -35.33 24.45 24.46
CA THR A 240 -36.17 23.44 25.09
C THR A 240 -37.38 23.13 24.21
N SER A 241 -37.55 23.91 23.15
CA SER A 241 -38.66 23.73 22.21
C SER A 241 -38.08 23.40 20.84
N LYS A 242 -38.76 22.54 20.09
CA LYS A 242 -38.28 22.15 18.77
C LYS A 242 -37.97 23.34 17.88
N SER A 243 -36.89 23.22 17.09
CA SER A 243 -36.49 24.27 16.18
C SER A 243 -37.56 24.47 15.10
N LYS A 244 -37.56 25.64 14.48
CA LYS A 244 -38.53 25.95 13.43
C LYS A 244 -38.01 25.51 12.07
N TYR A 245 -36.70 25.29 11.98
CA TYR A 245 -36.10 24.91 10.70
C TYR A 245 -35.38 23.55 10.67
N PRO A 246 -35.44 22.86 9.52
CA PRO A 246 -34.80 21.56 9.32
C PRO A 246 -33.35 21.90 8.97
N LEU A 247 -32.41 21.16 9.54
CA LEU A 247 -31.00 21.47 9.31
C LEU A 247 -30.14 20.32 8.81
N VAL A 248 -29.00 20.69 8.22
CA VAL A 248 -28.04 19.72 7.72
C VAL A 248 -26.65 20.19 8.12
N VAL A 249 -25.85 19.29 8.67
CA VAL A 249 -24.51 19.64 9.07
C VAL A 249 -23.52 18.82 8.28
N ARG A 250 -22.66 19.49 7.52
CA ARG A 250 -21.64 18.79 6.76
C ARG A 250 -20.31 18.92 7.51
N ILE A 251 -19.59 17.82 7.64
CA ILE A 251 -18.32 17.82 8.36
C ILE A 251 -17.14 17.59 7.45
N TYR A 252 -16.22 18.56 7.47
CA TYR A 252 -15.03 18.50 6.64
C TYR A 252 -13.76 18.35 7.47
N MET A 253 -12.90 17.43 7.05
CA MET A 253 -11.65 17.18 7.77
C MET A 253 -10.43 17.50 6.94
N ARG A 254 -9.50 18.24 7.54
CA ARG A 254 -8.26 18.59 6.87
C ARG A 254 -7.10 18.14 7.74
N MET A 255 -6.46 17.04 7.36
CA MET A 255 -5.34 16.52 8.12
C MET A 255 -4.13 17.44 8.00
N LYS A 256 -3.28 17.42 9.03
CA LYS A 256 -2.07 18.24 9.03
C LYS A 256 -1.05 17.60 9.95
N HIS A 257 0.23 17.76 9.62
CA HIS A 257 1.32 17.17 10.40
C HIS A 257 1.13 15.66 10.28
N VAL A 258 1.20 15.17 9.04
CA VAL A 258 0.98 13.76 8.77
C VAL A 258 2.21 12.88 8.62
N ARG A 259 2.07 11.66 9.11
CA ARG A 259 3.10 10.62 9.01
C ARG A 259 2.34 9.35 8.66
N ALA A 260 2.88 8.57 7.72
CA ALA A 260 2.23 7.35 7.29
C ALA A 260 3.24 6.23 7.11
N TRP A 261 2.79 5.00 7.35
CA TRP A 261 3.65 3.83 7.23
C TRP A 261 2.95 2.70 6.48
N ILE A 262 3.73 1.87 5.80
CA ILE A 262 3.24 0.70 5.07
C ILE A 262 2.25 0.96 3.96
N PRO A 263 2.74 1.29 2.75
CA PRO A 263 1.82 1.55 1.65
C PRO A 263 1.11 0.25 1.22
N ARG A 264 -0.14 0.35 0.76
CA ARG A 264 -0.91 -0.83 0.33
C ARG A 264 -1.52 -0.63 -1.05
N PRO A 265 -1.99 -1.71 -1.67
CA PRO A 265 -2.60 -1.54 -3.00
C PRO A 265 -3.84 -0.69 -2.81
N MET A 266 -4.19 0.09 -3.82
CA MET A 266 -5.35 0.96 -3.71
C MET A 266 -6.66 0.31 -4.12
N ARG A 267 -7.69 0.59 -3.34
CA ARG A 267 -9.04 0.05 -3.57
C ARG A 267 -9.43 0.14 -5.03
N ASN A 268 -9.97 -0.95 -5.59
CA ASN A 268 -10.37 -0.97 -6.99
C ASN A 268 -11.81 -1.47 -7.21
N GLN A 269 -12.52 -1.76 -6.13
CA GLN A 269 -13.91 -2.22 -6.19
C GLN A 269 -14.70 -1.24 -5.34
N ASN A 270 -15.95 -0.98 -5.69
CA ASN A 270 -16.75 -0.05 -4.93
C ASN A 270 -16.84 -0.41 -3.47
N TYR A 271 -16.86 0.61 -2.60
CA TYR A 271 -16.97 0.41 -1.17
C TYR A 271 -18.45 0.13 -0.86
N LEU A 272 -18.71 -0.68 0.15
CA LEU A 272 -20.09 -1.03 0.52
C LEU A 272 -20.42 -0.64 1.95
N PHE A 273 -19.50 -0.96 2.85
CA PHE A 273 -19.68 -0.69 4.26
C PHE A 273 -18.51 0.06 4.87
N LYS A 274 -18.77 0.79 5.94
CA LYS A 274 -17.71 1.54 6.60
C LYS A 274 -16.73 0.62 7.30
N ALA A 275 -17.26 -0.30 8.07
CA ALA A 275 -16.45 -1.20 8.85
C ALA A 275 -15.61 -2.27 8.15
N ASN A 276 -15.82 -2.53 6.87
CA ASN A 276 -15.02 -3.57 6.27
C ASN A 276 -14.72 -3.40 4.79
N PRO A 277 -13.85 -4.26 4.25
CA PRO A 277 -13.50 -4.16 2.84
C PRO A 277 -14.37 -5.04 1.94
N ASN A 278 -15.54 -5.44 2.44
CA ASN A 278 -16.45 -6.27 1.65
C ASN A 278 -16.71 -5.64 0.29
N TYR A 279 -16.83 -6.46 -0.73
CA TYR A 279 -17.08 -5.99 -2.09
C TYR A 279 -18.17 -6.85 -2.71
N ALA A 280 -18.86 -6.33 -3.72
CA ALA A 280 -19.92 -7.09 -4.38
C ALA A 280 -19.33 -8.20 -5.25
N GLY A 281 -19.49 -9.44 -4.79
CA GLY A 281 -18.96 -10.60 -5.49
C GLY A 281 -19.40 -10.83 -6.93
N ASN A 282 -20.63 -10.43 -7.25
CA ASN A 282 -21.13 -10.61 -8.61
C ASN A 282 -20.75 -9.48 -9.54
N SER A 283 -20.09 -8.46 -9.02
CA SER A 283 -19.70 -7.34 -9.85
C SER A 283 -18.24 -6.98 -9.70
N ILE A 284 -17.39 -8.01 -9.69
CA ILE A 284 -15.96 -7.78 -9.59
C ILE A 284 -15.53 -7.29 -10.97
N LYS A 285 -15.16 -6.03 -11.03
CA LYS A 285 -14.76 -5.40 -12.28
C LYS A 285 -13.23 -5.26 -12.39
N PRO A 286 -12.70 -5.20 -13.62
CA PRO A 286 -11.25 -5.07 -13.79
C PRO A 286 -10.90 -3.73 -13.18
N THR A 287 -9.62 -3.51 -12.92
CA THR A 287 -9.22 -2.24 -12.34
C THR A 287 -9.40 -1.09 -13.33
N GLY A 288 -9.34 -1.36 -14.64
CA GLY A 288 -9.49 -0.29 -15.62
C GLY A 288 -10.21 -0.62 -16.92
N ALA A 289 -10.10 0.28 -17.89
CA ALA A 289 -10.71 0.11 -19.20
C ALA A 289 -10.17 -1.17 -19.85
N SER A 290 -10.88 -1.68 -20.84
CA SER A 290 -10.45 -2.89 -21.52
C SER A 290 -10.59 -2.68 -23.03
N ARG A 291 -9.99 -3.56 -23.81
CA ARG A 291 -10.05 -3.47 -25.27
C ARG A 291 -10.29 -4.84 -25.87
N THR A 292 -10.64 -4.85 -27.16
CA THR A 292 -10.94 -6.09 -27.86
C THR A 292 -9.76 -7.02 -28.06
N ALA A 293 -8.59 -6.48 -28.38
CA ALA A 293 -7.43 -7.34 -28.59
C ALA A 293 -6.14 -6.71 -28.10
N ILE A 294 -5.18 -7.57 -27.79
CA ILE A 294 -3.90 -7.14 -27.29
C ILE A 294 -3.02 -6.52 -28.38
N THR A 295 -3.42 -6.67 -29.63
CA THR A 295 -2.61 -6.13 -30.73
C THR A 295 -3.23 -4.92 -31.40
N THR A 296 -4.24 -4.35 -30.76
CA THR A 296 -4.94 -3.19 -31.31
C THR A 296 -5.18 -2.19 -30.22
N LEU A 297 -5.22 -0.91 -30.60
CA LEU A 297 -5.48 0.13 -29.63
C LEU A 297 -6.98 0.24 -29.44
N SER B 10 26.74 -17.39 -6.44
CA SER B 10 27.38 -16.46 -5.44
C SER B 10 26.32 -15.48 -4.95
N ASP B 11 25.10 -15.74 -5.39
CA ASP B 11 23.93 -14.93 -5.06
C ASP B 11 22.78 -15.91 -5.34
N ARG B 12 23.17 -17.04 -5.95
CA ARG B 12 22.27 -18.13 -6.33
C ARG B 12 22.28 -19.18 -5.22
N VAL B 13 23.45 -19.41 -4.64
CA VAL B 13 23.64 -20.37 -3.57
C VAL B 13 23.45 -19.70 -2.22
N ALA B 14 22.90 -20.41 -1.24
CA ALA B 14 22.70 -19.82 0.07
C ALA B 14 22.41 -20.81 1.18
N GLN B 15 22.78 -20.40 2.40
CA GLN B 15 22.56 -21.21 3.60
C GLN B 15 22.01 -20.33 4.72
N LEU B 16 20.90 -20.75 5.32
CA LEU B 16 20.29 -20.01 6.42
C LEU B 16 20.33 -20.90 7.64
N THR B 17 21.07 -20.48 8.65
CA THR B 17 21.19 -21.25 9.87
C THR B 17 20.74 -20.42 11.06
N ILE B 18 19.76 -20.94 11.79
CA ILE B 18 19.28 -20.26 12.97
C ILE B 18 18.74 -21.32 13.90
N GLY B 19 19.17 -21.28 15.16
CA GLY B 19 18.73 -22.28 16.11
C GLY B 19 19.44 -23.57 15.76
N ASN B 20 18.70 -24.67 15.78
CA ASN B 20 19.29 -25.97 15.45
C ASN B 20 18.87 -26.37 14.05
N SER B 21 18.53 -25.38 13.22
CA SER B 21 18.08 -25.64 11.85
C SER B 21 18.86 -24.91 10.76
N THR B 22 19.10 -25.61 9.66
CA THR B 22 19.83 -25.06 8.52
C THR B 22 19.13 -25.35 7.19
N ILE B 23 18.97 -24.31 6.38
CA ILE B 23 18.34 -24.43 5.08
C ILE B 23 19.37 -24.16 4.01
N THR B 24 19.32 -24.90 2.91
CA THR B 24 20.24 -24.67 1.79
C THR B 24 19.40 -24.52 0.53
N THR B 25 19.97 -23.86 -0.47
CA THR B 25 19.30 -23.68 -1.75
C THR B 25 20.41 -23.41 -2.75
N GLN B 26 20.29 -23.96 -3.94
CA GLN B 26 21.31 -23.76 -4.95
C GLN B 26 20.78 -22.94 -6.12
N GLU B 27 19.54 -22.47 -5.98
CA GLU B 27 18.92 -21.64 -7.00
C GLU B 27 18.08 -20.56 -6.35
N ALA B 28 18.77 -19.61 -5.72
CA ALA B 28 18.13 -18.50 -5.03
C ALA B 28 18.14 -17.23 -5.86
N ALA B 29 17.44 -16.23 -5.36
CA ALA B 29 17.36 -14.95 -6.06
C ALA B 29 17.59 -13.86 -5.03
N ASN B 30 18.64 -14.03 -4.24
CA ASN B 30 18.98 -13.07 -3.20
C ASN B 30 17.98 -13.13 -2.04
N ILE B 31 18.05 -12.16 -1.15
CA ILE B 31 17.18 -12.10 0.01
C ILE B 31 16.57 -10.73 0.20
N ILE B 32 15.27 -10.69 0.52
CA ILE B 32 14.59 -9.42 0.74
C ILE B 32 14.48 -9.14 2.22
N VAL B 33 14.76 -7.90 2.59
CA VAL B 33 14.66 -7.47 3.98
C VAL B 33 13.58 -6.39 3.97
N GLY B 34 12.35 -6.81 4.26
CA GLY B 34 11.21 -5.92 4.25
C GLY B 34 11.40 -4.51 4.77
N TYR B 35 10.94 -3.53 4.00
CA TYR B 35 11.01 -2.14 4.41
C TYR B 35 12.40 -1.74 4.85
N GLY B 36 13.37 -2.47 4.32
CA GLY B 36 14.76 -2.19 4.59
C GLY B 36 15.29 -2.27 5.99
N GLU B 37 14.65 -3.03 6.89
CA GLU B 37 15.21 -3.13 8.22
C GLU B 37 15.07 -4.47 8.91
N TRP B 38 16.14 -4.84 9.61
CA TRP B 38 16.20 -6.09 10.33
C TRP B 38 15.40 -6.10 11.60
N PRO B 39 14.98 -7.29 12.02
CA PRO B 39 14.20 -7.44 13.25
C PRO B 39 15.10 -6.97 14.39
N SER B 40 14.48 -6.46 15.45
CA SER B 40 15.23 -6.00 16.61
C SER B 40 14.34 -6.15 17.83
N TYR B 41 14.95 -6.23 19.01
CA TYR B 41 14.19 -6.36 20.24
C TYR B 41 13.63 -4.99 20.58
N CYS B 42 12.59 -4.93 21.40
CA CYS B 42 11.98 -3.65 21.73
C CYS B 42 12.80 -2.80 22.71
N SER B 43 13.11 -1.57 22.32
CA SER B 43 13.91 -0.65 23.14
C SER B 43 13.19 -0.23 24.41
N ASP B 44 13.95 0.22 25.40
CA ASP B 44 13.37 0.65 26.67
C ASP B 44 12.52 1.92 26.56
N SER B 45 12.68 2.67 25.48
CA SER B 45 11.92 3.92 25.28
C SER B 45 10.59 3.68 24.56
N ASP B 46 10.58 2.67 23.68
CA ASP B 46 9.40 2.29 22.93
C ASP B 46 8.48 1.42 23.77
N ALA B 47 9.06 0.68 24.72
CA ALA B 47 8.28 -0.20 25.58
C ALA B 47 7.38 0.57 26.52
N THR B 48 6.41 -0.16 27.07
CA THR B 48 5.46 0.44 27.99
C THR B 48 5.18 -0.57 29.13
N ALA B 49 5.06 -1.84 28.81
CA ALA B 49 4.81 -2.86 29.83
C ALA B 49 6.05 -2.93 30.73
N VAL B 50 5.84 -3.02 32.04
CA VAL B 50 6.95 -3.00 32.98
C VAL B 50 7.62 -4.31 33.37
N ASP B 51 6.95 -5.45 33.19
CA ASP B 51 7.56 -6.70 33.60
C ASP B 51 8.75 -7.08 32.72
N LYS B 52 9.73 -7.77 33.31
CA LYS B 52 10.90 -8.17 32.55
C LYS B 52 10.46 -9.25 31.55
N PRO B 53 10.73 -9.05 30.26
CA PRO B 53 10.35 -10.01 29.22
C PRO B 53 11.16 -11.30 29.27
N THR B 54 10.70 -12.31 28.56
CA THR B 54 11.41 -13.58 28.47
C THR B 54 11.82 -13.66 27.01
N ARG B 55 13.06 -14.05 26.75
CA ARG B 55 13.55 -14.15 25.38
C ARG B 55 14.23 -15.52 25.24
N PRO B 56 13.42 -16.56 25.00
CA PRO B 56 13.79 -17.98 24.84
C PRO B 56 14.94 -18.26 23.87
N ASP B 57 15.19 -17.32 22.97
CA ASP B 57 16.26 -17.46 21.99
C ASP B 57 16.13 -18.71 21.11
N VAL B 58 17.18 -19.54 21.08
CA VAL B 58 17.21 -20.73 20.23
C VAL B 58 16.05 -21.71 20.24
N SER B 59 15.33 -21.82 21.34
CA SER B 59 14.22 -22.77 21.37
C SER B 59 12.99 -22.32 20.58
N VAL B 60 12.92 -21.03 20.24
CA VAL B 60 11.77 -20.53 19.49
C VAL B 60 12.13 -19.82 18.18
N ASN B 61 13.35 -19.28 18.11
CA ASN B 61 13.81 -18.62 16.89
C ASN B 61 14.60 -19.68 16.12
N ARG B 62 13.88 -20.48 15.34
CA ARG B 62 14.46 -21.55 14.55
C ARG B 62 13.51 -21.77 13.38
N PHE B 63 13.85 -22.68 12.47
CA PHE B 63 12.98 -22.92 11.32
C PHE B 63 11.94 -24.00 11.56
N TYR B 64 10.70 -23.66 11.24
CA TYR B 64 9.58 -24.58 11.38
C TYR B 64 8.99 -24.79 9.98
N THR B 65 8.86 -26.05 9.55
CA THR B 65 8.28 -26.35 8.24
C THR B 65 6.84 -26.80 8.50
N LEU B 66 5.91 -25.86 8.32
CA LEU B 66 4.51 -26.09 8.62
C LEU B 66 3.51 -26.60 7.60
N ASP B 67 3.77 -26.45 6.31
CA ASP B 67 2.74 -26.89 5.38
C ASP B 67 3.22 -27.04 3.95
N THR B 68 2.51 -27.88 3.21
CA THR B 68 2.83 -28.13 1.81
C THR B 68 1.57 -28.15 0.98
N LYS B 69 1.58 -27.38 -0.10
CA LYS B 69 0.43 -27.32 -0.98
C LYS B 69 0.90 -27.82 -2.32
N LEU B 70 -0.04 -28.24 -3.15
CA LEU B 70 0.30 -28.73 -4.47
C LEU B 70 -0.07 -27.71 -5.53
N TRP B 71 0.91 -27.33 -6.33
CA TRP B 71 0.68 -26.35 -7.37
C TRP B 71 0.09 -27.09 -8.57
N GLU B 72 -1.07 -26.64 -9.03
CA GLU B 72 -1.73 -27.27 -10.16
C GLU B 72 -2.00 -26.26 -11.25
N LYS B 73 -2.19 -26.76 -12.46
CA LYS B 73 -2.45 -25.89 -13.61
C LYS B 73 -3.63 -24.95 -13.39
N SER B 74 -4.41 -25.17 -12.34
CA SER B 74 -5.57 -24.34 -12.07
C SER B 74 -5.60 -23.71 -10.67
N SER B 75 -4.51 -23.85 -9.93
CA SER B 75 -4.46 -23.29 -8.58
C SER B 75 -4.75 -21.79 -8.61
N LYS B 76 -5.45 -21.31 -7.59
CA LYS B 76 -5.79 -19.90 -7.52
C LYS B 76 -4.79 -19.11 -6.67
N GLY B 77 -4.29 -19.74 -5.61
CA GLY B 77 -3.34 -19.09 -4.72
C GLY B 77 -3.77 -19.26 -3.28
N TRP B 78 -2.85 -19.05 -2.34
CA TRP B 78 -3.16 -19.21 -0.92
C TRP B 78 -2.55 -18.12 -0.04
N TYR B 79 -2.96 -18.12 1.23
CA TYR B 79 -2.43 -17.16 2.18
C TYR B 79 -2.36 -17.77 3.57
N TRP B 80 -1.47 -17.23 4.39
CA TRP B 80 -1.29 -17.69 5.76
C TRP B 80 -1.17 -16.44 6.61
N LYS B 81 -1.58 -16.52 7.87
CA LYS B 81 -1.51 -15.36 8.74
C LYS B 81 -0.44 -15.57 9.82
N PHE B 82 0.33 -14.52 10.11
CA PHE B 82 1.37 -14.59 11.15
C PHE B 82 0.95 -13.70 12.33
N PRO B 83 1.21 -14.16 13.56
CA PRO B 83 1.85 -15.43 13.94
C PRO B 83 0.90 -16.60 14.05
N ASP B 84 -0.35 -16.44 13.62
CA ASP B 84 -1.33 -17.51 13.71
C ASP B 84 -0.80 -18.91 13.34
N VAL B 85 -0.09 -19.00 12.21
CA VAL B 85 0.45 -20.28 11.76
C VAL B 85 1.26 -21.03 12.82
N LEU B 86 1.91 -20.32 13.72
CA LEU B 86 2.74 -20.98 14.70
C LEU B 86 2.21 -21.14 16.12
N THR B 87 1.14 -20.41 16.45
CA THR B 87 0.59 -20.44 17.79
C THR B 87 0.37 -21.81 18.44
N GLU B 88 0.48 -22.88 17.67
CA GLU B 88 0.27 -24.21 18.25
C GLU B 88 1.41 -25.15 17.90
N THR B 89 2.59 -24.58 17.69
CA THR B 89 3.75 -25.38 17.32
C THR B 89 4.97 -25.13 18.18
N GLY B 90 5.60 -26.20 18.63
CA GLY B 90 6.80 -26.11 19.43
C GLY B 90 6.78 -25.18 20.63
N VAL B 91 7.98 -24.81 21.06
CA VAL B 91 8.15 -23.94 22.21
C VAL B 91 7.65 -22.53 21.91
N PHE B 92 7.63 -22.16 20.65
CA PHE B 92 7.14 -20.84 20.29
C PHE B 92 5.65 -20.78 20.66
N GLY B 93 4.90 -21.76 20.16
CA GLY B 93 3.48 -21.82 20.43
C GLY B 93 3.17 -21.72 21.93
N GLN B 94 3.87 -22.53 22.72
CA GLN B 94 3.65 -22.50 24.16
C GLN B 94 3.84 -21.10 24.72
N ASN B 95 4.94 -20.46 24.37
CA ASN B 95 5.21 -19.12 24.87
C ASN B 95 4.13 -18.14 24.43
N ALA B 96 3.63 -18.32 23.21
CA ALA B 96 2.58 -17.45 22.70
C ALA B 96 1.26 -17.66 23.44
N GLN B 97 1.07 -18.86 23.96
CA GLN B 97 -0.15 -19.17 24.69
C GLN B 97 -0.10 -18.75 26.16
N PHE B 98 1.04 -18.97 26.81
CA PHE B 98 1.18 -18.61 28.21
C PHE B 98 1.29 -17.10 28.45
N HIS B 99 1.75 -16.38 27.45
CA HIS B 99 1.91 -14.94 27.57
C HIS B 99 0.86 -14.12 26.83
N TYR B 100 0.54 -12.96 27.39
CA TYR B 100 -0.42 -12.04 26.80
C TYR B 100 0.28 -11.31 25.68
N LEU B 101 1.46 -10.77 25.97
CA LEU B 101 2.23 -9.99 25.00
C LEU B 101 3.30 -10.76 24.23
N TYR B 102 3.34 -10.50 22.94
CA TYR B 102 4.30 -11.12 22.04
C TYR B 102 4.77 -10.15 20.97
N ARG B 103 5.98 -10.39 20.49
CA ARG B 103 6.58 -9.59 19.45
C ARG B 103 7.72 -10.38 18.86
N SER B 104 7.90 -10.28 17.55
CA SER B 104 8.99 -10.98 16.87
C SER B 104 9.04 -10.62 15.40
N GLY B 105 10.09 -11.07 14.74
CA GLY B 105 10.23 -10.82 13.32
C GLY B 105 10.16 -12.20 12.70
N PHE B 106 10.34 -12.29 11.39
CA PHE B 106 10.28 -13.59 10.74
C PHE B 106 11.16 -13.70 9.52
N CYS B 107 11.65 -14.91 9.30
CA CYS B 107 12.42 -15.21 8.11
C CYS B 107 11.54 -16.23 7.42
N ILE B 108 11.00 -15.87 6.27
CA ILE B 108 10.13 -16.77 5.55
C ILE B 108 10.86 -17.36 4.33
N HIS B 109 10.80 -18.68 4.19
CA HIS B 109 11.46 -19.35 3.08
C HIS B 109 10.48 -20.28 2.36
N VAL B 110 9.94 -19.80 1.24
CA VAL B 110 8.99 -20.58 0.45
C VAL B 110 9.76 -21.40 -0.58
N GLN B 111 9.52 -22.70 -0.58
CA GLN B 111 10.20 -23.62 -1.49
C GLN B 111 9.30 -24.22 -2.58
N CYS B 112 9.87 -24.36 -3.77
CA CYS B 112 9.17 -24.97 -4.90
C CYS B 112 10.12 -25.23 -6.04
N ASN B 113 10.49 -26.49 -6.24
CA ASN B 113 11.38 -26.82 -7.33
C ASN B 113 10.63 -27.63 -8.37
N ALA B 114 11.17 -27.65 -9.58
CA ALA B 114 10.57 -28.39 -10.69
C ALA B 114 11.72 -28.84 -11.59
N SER B 115 11.56 -28.69 -12.91
CA SER B 115 12.62 -29.09 -13.83
C SER B 115 12.82 -28.00 -14.87
N LYS B 116 13.90 -28.11 -15.64
CA LYS B 116 14.17 -27.10 -16.67
C LYS B 116 13.15 -27.19 -17.80
N PHE B 117 12.19 -28.10 -17.66
CA PHE B 117 11.15 -28.26 -18.67
C PHE B 117 9.77 -27.82 -18.17
N HIS B 118 9.68 -27.43 -16.90
CA HIS B 118 8.43 -26.94 -16.36
C HIS B 118 8.52 -25.42 -16.45
N GLN B 119 7.41 -24.74 -16.19
CA GLN B 119 7.38 -23.28 -16.25
C GLN B 119 6.24 -22.75 -15.39
N GLY B 120 6.37 -21.51 -14.96
CA GLY B 120 5.36 -20.91 -14.13
C GLY B 120 6.03 -19.95 -13.18
N ALA B 121 5.24 -19.01 -12.65
CA ALA B 121 5.80 -18.03 -11.73
C ALA B 121 4.84 -17.74 -10.59
N LEU B 122 5.35 -17.88 -9.37
CA LEU B 122 4.60 -17.61 -8.16
C LEU B 122 5.02 -16.27 -7.61
N LEU B 123 4.07 -15.47 -7.15
CA LEU B 123 4.40 -14.19 -6.56
C LEU B 123 4.33 -14.45 -5.06
N VAL B 124 5.42 -14.25 -4.33
CA VAL B 124 5.43 -14.47 -2.89
C VAL B 124 5.59 -13.11 -2.21
N ALA B 125 4.57 -12.69 -1.47
CA ALA B 125 4.61 -11.40 -0.82
C ALA B 125 4.07 -11.42 0.59
N VAL B 126 4.35 -10.34 1.31
CA VAL B 126 3.93 -10.17 2.67
C VAL B 126 3.11 -8.90 2.80
N LEU B 127 1.87 -9.04 3.26
CA LEU B 127 0.99 -7.90 3.37
C LEU B 127 0.54 -7.66 4.82
N PRO B 128 1.07 -6.60 5.45
CA PRO B 128 0.71 -6.27 6.84
C PRO B 128 -0.79 -5.99 6.99
N GLU B 129 -1.33 -6.32 8.15
CA GLU B 129 -2.76 -6.10 8.43
C GLU B 129 -3.62 -6.53 7.23
N TYR B 130 -3.48 -7.80 6.84
CA TYR B 130 -4.24 -8.36 5.73
C TYR B 130 -5.64 -8.68 6.20
N VAL B 131 -6.53 -7.70 6.08
CA VAL B 131 -7.91 -7.87 6.49
C VAL B 131 -8.72 -8.49 5.36
N ILE B 132 -9.35 -9.61 5.67
CA ILE B 132 -10.17 -10.33 4.70
C ILE B 132 -11.59 -9.75 4.61
N GLY B 133 -12.14 -9.76 3.40
CA GLY B 133 -13.49 -9.27 3.19
C GLY B 133 -14.31 -10.39 2.56
N THR B 134 -15.62 -10.19 2.46
CA THR B 134 -16.47 -11.21 1.85
C THR B 134 -17.14 -10.65 0.61
N VAL B 135 -17.80 -11.53 -0.14
CA VAL B 135 -18.48 -11.11 -1.36
C VAL B 135 -19.80 -10.40 -1.06
N ALA B 136 -20.10 -10.19 0.22
CA ALA B 136 -21.32 -9.48 0.60
C ALA B 136 -22.59 -10.03 -0.04
N GLY B 137 -22.73 -11.34 -0.06
CA GLY B 137 -23.94 -11.92 -0.64
C GLY B 137 -24.08 -11.84 -2.15
N GLY B 138 -22.98 -11.59 -2.86
CA GLY B 138 -23.03 -11.49 -4.31
C GLY B 138 -23.53 -10.17 -4.85
N THR B 139 -24.67 -9.74 -4.35
CA THR B 139 -25.29 -8.48 -4.78
C THR B 139 -24.69 -7.31 -4.02
N GLY B 140 -24.05 -7.59 -2.89
CA GLY B 140 -23.45 -6.52 -2.11
C GLY B 140 -24.43 -5.86 -1.15
N THR B 141 -25.56 -6.51 -0.93
CA THR B 141 -26.57 -5.97 -0.03
C THR B 141 -26.47 -6.60 1.35
N GLU B 142 -25.92 -7.81 1.41
CA GLU B 142 -25.78 -8.52 2.68
C GLU B 142 -24.42 -8.17 3.29
N ASP B 143 -24.43 -7.74 4.55
CA ASP B 143 -23.21 -7.38 5.25
C ASP B 143 -22.61 -8.60 5.97
N THR B 144 -22.15 -9.58 5.20
CA THR B 144 -21.55 -10.78 5.74
C THR B 144 -20.14 -10.51 6.28
N HIS B 145 -19.59 -11.48 7.00
CA HIS B 145 -18.25 -11.33 7.56
C HIS B 145 -17.56 -12.66 7.54
N PRO B 146 -16.25 -12.66 7.26
CA PRO B 146 -15.51 -13.92 7.21
C PRO B 146 -15.41 -14.55 8.60
N PRO B 147 -15.62 -15.87 8.68
CA PRO B 147 -15.56 -16.61 9.94
C PRO B 147 -14.14 -16.82 10.44
N TYR B 148 -14.00 -17.08 11.73
CA TYR B 148 -12.68 -17.28 12.35
C TYR B 148 -11.78 -18.19 11.52
N LYS B 149 -12.33 -19.29 11.01
CA LYS B 149 -11.51 -20.22 10.25
C LYS B 149 -10.97 -19.64 8.95
N GLN B 150 -11.47 -18.47 8.55
CA GLN B 150 -11.00 -17.84 7.31
C GLN B 150 -10.02 -16.69 7.56
N THR B 151 -10.15 -16.04 8.70
CA THR B 151 -9.28 -14.92 9.04
C THR B 151 -8.00 -15.43 9.70
N GLN B 152 -8.13 -16.53 10.43
CA GLN B 152 -7.00 -17.15 11.11
C GLN B 152 -7.04 -18.64 10.78
N PRO B 153 -6.75 -18.98 9.51
CA PRO B 153 -6.74 -20.35 8.96
C PRO B 153 -5.75 -21.33 9.56
N GLY B 154 -4.92 -20.86 10.49
CA GLY B 154 -3.94 -21.76 11.08
C GLY B 154 -2.87 -22.15 10.08
N ALA B 155 -2.23 -23.29 10.31
CA ALA B 155 -1.14 -23.75 9.44
C ALA B 155 -1.52 -24.26 8.05
N ASP B 156 -2.76 -24.68 7.86
CA ASP B 156 -3.18 -25.19 6.56
C ASP B 156 -3.36 -24.06 5.58
N GLY B 157 -3.37 -22.84 6.10
CA GLY B 157 -3.56 -21.71 5.22
C GLY B 157 -4.98 -21.72 4.70
N PHE B 158 -5.22 -20.98 3.63
CA PHE B 158 -6.54 -20.89 3.07
C PHE B 158 -6.42 -20.47 1.61
N GLU B 159 -7.31 -20.98 0.75
CA GLU B 159 -7.25 -20.64 -0.66
C GLU B 159 -8.06 -19.40 -1.02
N LEU B 160 -7.43 -18.54 -1.81
CA LEU B 160 -8.08 -17.31 -2.24
C LEU B 160 -9.27 -17.62 -3.12
N GLN B 161 -10.40 -16.96 -2.85
CA GLN B 161 -11.60 -17.16 -3.64
C GLN B 161 -11.51 -16.33 -4.92
N HIS B 162 -11.06 -15.08 -4.79
CA HIS B 162 -10.92 -14.19 -5.95
C HIS B 162 -9.57 -13.51 -5.85
N PRO B 163 -8.51 -14.21 -6.26
CA PRO B 163 -7.17 -13.66 -6.20
C PRO B 163 -6.98 -12.29 -6.87
N TYR B 164 -7.75 -11.99 -7.90
CA TYR B 164 -7.60 -10.69 -8.59
C TYR B 164 -7.71 -9.51 -7.64
N VAL B 165 -8.63 -9.61 -6.68
CA VAL B 165 -8.85 -8.55 -5.71
C VAL B 165 -8.43 -8.95 -4.29
N LEU B 166 -7.62 -10.01 -4.21
CA LEU B 166 -7.09 -10.51 -2.96
C LEU B 166 -8.14 -10.74 -1.88
N ASP B 167 -9.36 -11.07 -2.29
CA ASP B 167 -10.43 -11.32 -1.34
C ASP B 167 -10.62 -10.15 -0.39
N ALA B 168 -10.19 -8.96 -0.81
CA ALA B 168 -10.29 -7.77 0.04
C ALA B 168 -10.53 -6.48 -0.74
N GLY B 169 -10.94 -6.62 -2.00
CA GLY B 169 -11.24 -5.45 -2.81
C GLY B 169 -10.06 -4.59 -3.22
N ILE B 170 -8.89 -5.20 -3.28
CA ILE B 170 -7.69 -4.48 -3.68
C ILE B 170 -6.95 -5.29 -4.76
N PRO B 171 -6.37 -4.60 -5.75
CA PRO B 171 -5.64 -5.24 -6.86
C PRO B 171 -4.36 -5.97 -6.50
N ILE B 172 -4.28 -7.23 -6.92
CA ILE B 172 -3.09 -8.03 -6.66
C ILE B 172 -1.97 -7.47 -7.54
N SER B 173 -2.35 -6.82 -8.63
CA SER B 173 -1.38 -6.24 -9.55
C SER B 173 -0.50 -5.22 -8.85
N GLN B 174 -0.94 -4.74 -7.69
CA GLN B 174 -0.16 -3.74 -6.95
C GLN B 174 0.45 -4.32 -5.68
N LEU B 175 0.32 -5.62 -5.49
CA LEU B 175 0.85 -6.28 -4.30
C LEU B 175 2.37 -6.17 -4.21
N THR B 176 3.02 -5.88 -5.33
CA THR B 176 4.47 -5.75 -5.35
C THR B 176 4.98 -4.53 -4.58
N VAL B 177 4.06 -3.72 -4.08
CA VAL B 177 4.46 -2.54 -3.30
C VAL B 177 4.82 -3.05 -1.90
N CYS B 178 4.61 -4.34 -1.69
CA CYS B 178 4.93 -4.98 -0.43
C CYS B 178 6.18 -5.83 -0.62
N PRO B 179 6.87 -6.14 0.47
CA PRO B 179 8.08 -6.96 0.38
C PRO B 179 7.71 -8.25 -0.35
N HIS B 180 8.47 -8.60 -1.38
CA HIS B 180 8.14 -9.79 -2.14
C HIS B 180 9.29 -10.32 -2.95
N GLN B 181 9.06 -11.48 -3.53
CA GLN B 181 10.00 -12.14 -4.42
C GLN B 181 9.12 -12.97 -5.33
N TRP B 182 9.69 -13.47 -6.41
CA TRP B 182 8.95 -14.31 -7.33
C TRP B 182 9.66 -15.65 -7.41
N ILE B 183 8.91 -16.72 -7.65
CA ILE B 183 9.54 -18.00 -7.85
C ILE B 183 9.21 -18.31 -9.31
N ASN B 184 10.14 -17.96 -10.20
CA ASN B 184 9.99 -18.21 -11.62
C ASN B 184 10.82 -19.47 -11.85
N LEU B 185 10.13 -20.59 -12.04
CA LEU B 185 10.79 -21.89 -12.20
C LEU B 185 12.02 -21.96 -13.08
N ARG B 186 12.07 -21.16 -14.14
CA ARG B 186 13.24 -21.22 -15.01
C ARG B 186 14.42 -20.50 -14.38
N THR B 187 14.14 -19.81 -13.27
CA THR B 187 15.17 -19.02 -12.59
C THR B 187 15.54 -19.44 -11.17
N ASN B 188 14.56 -19.58 -10.29
CA ASN B 188 14.86 -19.95 -8.91
C ASN B 188 13.84 -20.93 -8.35
N ASN B 189 14.21 -21.57 -7.24
CA ASN B 189 13.33 -22.54 -6.62
C ASN B 189 12.91 -22.13 -5.23
N CYS B 190 13.04 -20.86 -4.90
CA CYS B 190 12.65 -20.42 -3.57
C CYS B 190 12.64 -18.93 -3.39
N ALA B 191 11.95 -18.50 -2.34
CA ALA B 191 11.85 -17.10 -2.01
C ALA B 191 12.22 -16.96 -0.53
N THR B 192 12.95 -15.91 -0.20
CA THR B 192 13.34 -15.69 1.18
C THR B 192 13.06 -14.23 1.51
N ILE B 193 12.24 -14.03 2.53
CA ILE B 193 11.86 -12.69 2.95
C ILE B 193 12.01 -12.52 4.45
N ILE B 194 12.78 -11.53 4.86
CA ILE B 194 12.97 -11.26 6.27
C ILE B 194 12.04 -10.10 6.63
N VAL B 195 11.30 -10.24 7.71
CA VAL B 195 10.33 -9.21 8.10
C VAL B 195 10.48 -8.76 9.55
N PRO B 196 10.56 -7.45 9.78
CA PRO B 196 10.69 -6.95 11.15
C PRO B 196 9.31 -6.91 11.78
N TYR B 197 9.24 -6.64 13.07
CA TYR B 197 7.95 -6.56 13.73
C TYR B 197 7.26 -5.32 13.18
N ILE B 198 6.01 -5.46 12.77
CA ILE B 198 5.26 -4.35 12.21
C ILE B 198 3.94 -4.18 12.94
N ASN B 199 3.80 -3.07 13.68
CA ASN B 199 2.58 -2.79 14.43
C ASN B 199 2.66 -1.35 14.92
N ALA B 200 1.57 -0.84 15.46
CA ALA B 200 1.54 0.53 15.98
C ALA B 200 1.73 0.50 17.49
N LEU B 201 1.99 -0.70 18.00
CA LEU B 201 2.22 -0.92 19.42
C LEU B 201 3.52 -1.70 19.54
N PRO B 202 4.20 -1.60 20.69
CA PRO B 202 5.46 -2.32 20.90
C PRO B 202 5.34 -3.84 21.03
N PHE B 203 4.25 -4.30 21.63
CA PHE B 203 3.97 -5.74 21.78
C PHE B 203 2.48 -5.89 21.52
N ASP B 204 2.01 -7.12 21.35
CA ASP B 204 0.59 -7.34 21.11
C ASP B 204 0.26 -8.82 21.32
N SER B 205 -1.03 -9.17 21.29
CA SER B 205 -1.46 -10.55 21.48
C SER B 205 -1.18 -11.35 20.22
N ALA B 206 -0.52 -12.49 20.36
CA ALA B 206 -0.25 -13.32 19.19
C ALA B 206 -1.52 -14.06 18.78
N LEU B 207 -2.51 -14.07 19.67
CA LEU B 207 -3.76 -14.77 19.41
C LEU B 207 -4.82 -13.94 18.73
N ASN B 208 -5.05 -12.73 19.26
CA ASN B 208 -6.08 -11.85 18.73
C ASN B 208 -5.69 -11.01 17.52
N HIS B 209 -4.39 -10.79 17.32
CA HIS B 209 -3.93 -9.95 16.23
C HIS B 209 -2.86 -10.59 15.35
N CYS B 210 -3.13 -10.61 14.04
CA CYS B 210 -2.19 -11.14 13.06
C CYS B 210 -1.53 -9.93 12.43
N ASN B 211 -0.21 -9.83 12.56
CA ASN B 211 0.51 -8.69 12.04
C ASN B 211 0.58 -8.61 10.53
N PHE B 212 0.71 -9.75 9.87
CA PHE B 212 0.76 -9.71 8.42
C PHE B 212 0.32 -11.03 7.83
N GLY B 213 0.15 -11.03 6.52
CA GLY B 213 -0.24 -12.23 5.83
C GLY B 213 0.78 -12.58 4.75
N LEU B 214 0.98 -13.88 4.54
CA LEU B 214 1.90 -14.36 3.52
C LEU B 214 1.07 -14.85 2.36
N LEU B 215 1.29 -14.26 1.19
CA LEU B 215 0.55 -14.65 0.01
C LEU B 215 1.43 -15.36 -1.00
N VAL B 216 0.92 -16.47 -1.54
CA VAL B 216 1.64 -17.22 -2.56
C VAL B 216 0.61 -17.41 -3.67
N VAL B 217 0.77 -16.63 -4.73
CA VAL B 217 -0.18 -16.68 -5.83
C VAL B 217 0.46 -16.84 -7.19
N PRO B 218 0.03 -17.86 -7.94
CA PRO B 218 0.60 -18.07 -9.27
C PRO B 218 0.04 -17.02 -10.22
N ILE B 219 0.92 -16.23 -10.83
CA ILE B 219 0.52 -15.18 -11.76
C ILE B 219 0.68 -15.71 -13.17
N SER B 220 1.65 -16.61 -13.34
CA SER B 220 1.92 -17.26 -14.61
C SER B 220 1.70 -18.73 -14.30
N PRO B 221 0.62 -19.31 -14.84
CA PRO B 221 0.24 -20.71 -14.63
C PRO B 221 1.31 -21.77 -14.85
N LEU B 222 1.29 -22.76 -13.96
CA LEU B 222 2.20 -23.90 -14.03
C LEU B 222 1.90 -24.65 -15.33
N ASP B 223 2.92 -25.14 -16.00
CA ASP B 223 2.69 -25.87 -17.24
C ASP B 223 3.83 -26.82 -17.52
N TYR B 224 3.55 -27.90 -18.24
CA TYR B 224 4.55 -28.90 -18.59
C TYR B 224 3.93 -29.90 -19.55
N ASP B 225 4.75 -30.70 -20.21
CA ASP B 225 4.23 -31.69 -21.16
C ASP B 225 3.94 -33.01 -20.46
N GLN B 226 3.04 -33.79 -21.03
CA GLN B 226 2.66 -35.10 -20.49
C GLN B 226 3.90 -35.97 -20.35
N GLY B 227 4.16 -36.42 -19.13
CA GLY B 227 5.32 -37.27 -18.90
C GLY B 227 6.29 -36.67 -17.89
N ALA B 228 6.18 -35.37 -17.67
CA ALA B 228 7.03 -34.71 -16.71
C ALA B 228 6.32 -34.83 -15.36
N THR B 229 7.09 -34.94 -14.28
CA THR B 229 6.50 -35.06 -12.94
C THR B 229 5.44 -33.98 -12.77
N PRO B 230 4.18 -34.38 -12.59
CA PRO B 230 3.02 -33.49 -12.42
C PRO B 230 2.77 -32.99 -11.00
N VAL B 231 3.44 -33.62 -10.03
CA VAL B 231 3.28 -33.21 -8.63
C VAL B 231 4.36 -32.20 -8.26
N ILE B 232 3.97 -30.93 -8.21
CA ILE B 232 4.89 -29.85 -7.88
C ILE B 232 4.47 -29.19 -6.56
N PRO B 233 5.07 -29.63 -5.46
CA PRO B 233 4.76 -29.09 -4.13
C PRO B 233 5.37 -27.72 -3.89
N ILE B 234 4.73 -27.00 -2.97
CA ILE B 234 5.17 -25.69 -2.54
C ILE B 234 5.21 -25.83 -1.04
N THR B 235 6.39 -25.72 -0.43
CA THR B 235 6.49 -25.87 1.01
C THR B 235 6.86 -24.57 1.73
N ILE B 236 6.22 -24.37 2.88
CA ILE B 236 6.40 -23.18 3.69
C ILE B 236 7.21 -23.42 4.96
N THR B 237 8.38 -22.79 5.04
CA THR B 237 9.24 -22.89 6.22
C THR B 237 9.44 -21.47 6.72
N LEU B 238 9.39 -21.28 8.03
CA LEU B 238 9.54 -19.95 8.60
C LEU B 238 10.19 -20.00 9.97
N ALA B 239 10.91 -18.93 10.31
CA ALA B 239 11.58 -18.85 11.60
C ALA B 239 11.33 -17.53 12.31
N PRO B 240 10.89 -17.59 13.57
CA PRO B 240 10.65 -16.34 14.29
C PRO B 240 12.03 -15.74 14.54
N MET B 241 12.10 -14.44 14.75
CA MET B 241 13.38 -13.81 15.01
C MET B 241 13.24 -12.78 16.12
N CYS B 242 14.16 -12.79 17.08
CA CYS B 242 14.12 -11.85 18.19
C CYS B 242 12.80 -11.91 18.95
N SER B 243 12.32 -13.12 19.21
CA SER B 243 11.06 -13.29 19.93
C SER B 243 11.14 -12.76 21.35
N GLU B 244 10.07 -12.11 21.78
CA GLU B 244 9.96 -11.55 23.12
C GLU B 244 8.55 -11.81 23.63
N PHE B 245 8.45 -12.19 24.90
CA PHE B 245 7.16 -12.46 25.52
C PHE B 245 7.07 -11.81 26.90
N ALA B 246 5.86 -11.42 27.28
CA ALA B 246 5.64 -10.78 28.58
C ALA B 246 4.18 -10.95 28.98
N GLY B 247 3.87 -10.61 30.23
CA GLY B 247 2.51 -10.74 30.73
C GLY B 247 2.17 -12.22 30.86
N LEU B 248 2.85 -12.89 31.79
CA LEU B 248 2.66 -14.32 32.00
C LEU B 248 1.48 -14.72 32.88
N ARG B 249 0.84 -15.83 32.51
CA ARG B 249 -0.28 -16.44 33.25
C ARG B 249 -0.57 -17.83 32.70
N GLN B 250 -1.80 -18.32 32.87
CA GLN B 250 -2.09 -19.66 32.35
C GLN B 250 -2.14 -19.68 30.84
N ALA B 251 -1.98 -20.85 30.27
CA ALA B 251 -2.01 -20.97 28.81
C ALA B 251 -3.43 -20.77 28.27
N VAL B 252 -3.50 -20.12 27.12
CA VAL B 252 -4.77 -19.83 26.46
C VAL B 252 -4.59 -20.08 24.96
N THR B 253 -5.57 -20.75 24.35
CA THR B 253 -5.50 -21.05 22.92
C THR B 253 -6.15 -19.96 22.06
N GLN B 254 -7.07 -19.21 22.66
CA GLN B 254 -7.72 -18.11 21.96
C GLN B 254 -8.54 -17.27 22.94
N GLY C 1 -10.80 50.23 19.98
CA GLY C 1 -9.82 49.20 19.51
C GLY C 1 -8.96 49.63 18.34
N PHE C 2 -8.11 48.72 17.86
CA PHE C 2 -7.22 48.99 16.74
C PHE C 2 -7.94 49.00 15.37
N PRO C 3 -7.76 50.08 14.59
CA PRO C 3 -8.38 50.27 13.26
C PRO C 3 -8.08 49.20 12.22
N THR C 4 -9.09 48.41 11.89
CA THR C 4 -8.94 47.36 10.87
C THR C 4 -10.01 47.55 9.79
N GLU C 5 -9.86 46.84 8.68
CA GLU C 5 -10.80 46.96 7.57
C GLU C 5 -10.87 45.61 6.83
N LEU C 6 -12.04 44.97 6.86
CA LEU C 6 -12.22 43.67 6.21
C LEU C 6 -12.11 43.70 4.68
N LYS C 7 -11.33 42.76 4.15
CA LYS C 7 -11.12 42.65 2.71
C LYS C 7 -11.90 41.46 2.14
N PRO C 8 -12.04 41.40 0.82
CA PRO C 8 -12.77 40.28 0.23
C PRO C 8 -12.07 38.97 0.59
N GLY C 9 -12.87 37.91 0.75
CA GLY C 9 -12.32 36.63 1.14
C GLY C 9 -12.83 36.37 2.55
N THR C 10 -13.11 37.46 3.25
CA THR C 10 -13.65 37.41 4.61
C THR C 10 -14.80 36.41 4.73
N ASN C 11 -14.71 35.55 5.75
CA ASN C 11 -15.71 34.52 6.05
C ASN C 11 -15.74 33.31 5.14
N GLN C 12 -14.98 33.32 4.05
CA GLN C 12 -14.98 32.20 3.14
C GLN C 12 -14.23 31.02 3.70
N PHE C 13 -14.61 29.83 3.25
CA PHE C 13 -13.97 28.60 3.69
C PHE C 13 -13.29 27.94 2.49
N LEU C 14 -11.98 28.10 2.40
CA LEU C 14 -11.21 27.50 1.31
C LEU C 14 -10.68 26.18 1.85
N THR C 15 -11.07 25.08 1.21
CA THR C 15 -10.68 23.75 1.67
C THR C 15 -9.18 23.51 1.72
N THR C 16 -8.44 24.27 0.93
CA THR C 16 -6.99 24.09 0.91
C THR C 16 -6.24 25.20 1.65
N ASP C 17 -6.97 26.05 2.37
CA ASP C 17 -6.34 27.12 3.12
C ASP C 17 -5.63 26.47 4.30
N ASP C 18 -4.35 26.79 4.46
CA ASP C 18 -3.52 26.25 5.54
C ASP C 18 -3.50 27.25 6.69
N GLY C 19 -4.58 27.29 7.47
CA GLY C 19 -4.65 28.25 8.56
C GLY C 19 -4.48 27.69 9.97
N VAL C 20 -4.68 28.58 10.93
CA VAL C 20 -4.56 28.23 12.35
C VAL C 20 -5.95 28.21 12.98
N SER C 21 -6.27 27.12 13.68
CA SER C 21 -7.57 26.98 14.32
C SER C 21 -7.42 26.62 15.79
N ALA C 22 -8.34 27.10 16.61
CA ALA C 22 -8.30 26.85 18.05
C ALA C 22 -8.27 25.38 18.45
N PRO C 23 -7.40 25.03 19.41
CA PRO C 23 -7.27 23.65 19.90
C PRO C 23 -8.37 23.30 20.90
N ILE C 24 -9.02 22.16 20.68
CA ILE C 24 -10.11 21.75 21.55
C ILE C 24 -9.67 21.18 22.88
N LEU C 25 -8.48 20.59 22.93
CA LEU C 25 -8.01 19.99 24.17
C LEU C 25 -6.72 20.61 24.66
N PRO C 26 -6.83 21.67 25.46
CA PRO C 26 -5.61 22.32 25.96
C PRO C 26 -4.75 21.43 26.83
N ASN C 27 -3.43 21.53 26.63
CA ASN C 27 -2.45 20.77 27.39
C ASN C 27 -2.48 19.26 27.20
N PHE C 28 -3.16 18.83 26.15
CA PHE C 28 -3.25 17.41 25.83
C PHE C 28 -1.94 17.03 25.15
N HIS C 29 -1.39 15.87 25.50
CA HIS C 29 -0.14 15.40 24.91
C HIS C 29 -0.42 14.03 24.28
N PRO C 30 -0.17 13.89 22.98
CA PRO C 30 -0.40 12.64 22.25
C PRO C 30 0.48 11.49 22.68
N THR C 31 -0.03 10.29 22.46
CA THR C 31 0.71 9.11 22.78
C THR C 31 2.03 9.18 22.02
N PRO C 32 3.15 8.91 22.70
CA PRO C 32 4.43 8.96 22.02
C PRO C 32 4.46 8.07 20.78
N CYS C 33 5.30 8.43 19.82
CA CYS C 33 5.38 7.67 18.58
C CYS C 33 6.54 6.67 18.54
N ILE C 34 6.24 5.38 18.66
CA ILE C 34 7.31 4.37 18.62
C ILE C 34 7.83 4.24 17.20
N HIS C 35 8.80 3.34 17.00
CA HIS C 35 9.35 3.14 15.67
C HIS C 35 8.48 2.16 14.91
N ILE C 36 8.10 2.51 13.70
CA ILE C 36 7.30 1.64 12.87
C ILE C 36 8.02 1.56 11.55
N PRO C 37 8.20 0.33 11.04
CA PRO C 37 8.89 0.18 9.77
C PRO C 37 8.10 0.73 8.58
N GLY C 38 8.81 0.98 7.50
CA GLY C 38 8.17 1.44 6.28
C GLY C 38 7.50 2.80 6.24
N GLU C 39 8.14 3.80 6.81
CA GLU C 39 7.54 5.13 6.76
C GLU C 39 7.77 5.73 5.38
N VAL C 40 6.72 6.26 4.78
CA VAL C 40 6.88 6.90 3.47
C VAL C 40 6.80 8.40 3.70
N ARG C 41 7.66 9.14 3.01
CA ARG C 41 7.73 10.59 3.13
C ARG C 41 7.20 11.34 1.93
N ASN C 42 7.25 10.72 0.75
CA ASN C 42 6.81 11.36 -0.48
C ASN C 42 6.24 10.34 -1.47
N LEU C 43 5.10 10.64 -2.06
CA LEU C 43 4.46 9.74 -3.01
C LEU C 43 5.40 9.29 -4.12
N LEU C 44 6.38 10.12 -4.46
CA LEU C 44 7.33 9.77 -5.51
C LEU C 44 8.10 8.50 -5.15
N GLU C 45 8.20 8.22 -3.84
CA GLU C 45 8.90 7.02 -3.39
C GLU C 45 8.13 5.81 -3.90
N LEU C 46 6.81 5.91 -3.91
CA LEU C 46 5.97 4.82 -4.36
C LEU C 46 5.96 4.66 -5.88
N CYS C 47 6.10 5.77 -6.60
CA CYS C 47 6.09 5.73 -8.06
C CYS C 47 7.30 5.01 -8.65
N GLN C 48 8.35 4.81 -7.86
CA GLN C 48 9.53 4.12 -8.38
C GLN C 48 9.48 2.62 -8.17
N VAL C 49 8.42 2.16 -7.50
CA VAL C 49 8.21 0.74 -7.24
C VAL C 49 7.40 0.16 -8.38
N GLU C 50 7.92 -0.91 -8.99
CA GLU C 50 7.23 -1.53 -10.10
C GLU C 50 6.04 -2.35 -9.66
N THR C 51 4.94 -2.22 -10.40
CA THR C 51 3.73 -2.97 -10.16
C THR C 51 3.32 -3.57 -11.50
N ILE C 52 2.46 -4.59 -11.48
CA ILE C 52 2.07 -5.26 -12.72
C ILE C 52 1.22 -4.45 -13.68
N LEU C 53 1.68 -4.38 -14.93
CA LEU C 53 1.00 -3.64 -15.98
C LEU C 53 0.10 -4.60 -16.75
N GLU C 54 -1.20 -4.32 -16.79
CA GLU C 54 -2.11 -5.21 -17.50
C GLU C 54 -2.13 -4.93 -19.00
N VAL C 55 -1.08 -5.37 -19.70
CA VAL C 55 -0.98 -5.20 -21.13
C VAL C 55 -2.11 -5.98 -21.78
N ASN C 56 -2.41 -7.14 -21.21
CA ASN C 56 -3.47 -7.97 -21.75
C ASN C 56 -4.80 -7.63 -21.08
N ASN C 57 -5.26 -6.40 -21.26
CA ASN C 57 -6.51 -5.97 -20.66
C ASN C 57 -7.71 -6.24 -21.53
N VAL C 58 -7.91 -7.51 -21.89
CA VAL C 58 -9.06 -7.84 -22.74
C VAL C 58 -10.12 -8.70 -22.02
N PRO C 59 -9.72 -9.78 -21.32
CA PRO C 59 -10.70 -10.62 -20.62
C PRO C 59 -11.46 -9.82 -19.56
N THR C 60 -12.77 -10.04 -19.44
CA THR C 60 -13.56 -9.30 -18.45
C THR C 60 -14.40 -10.13 -17.47
N ASN C 61 -14.66 -11.39 -17.79
CA ASN C 61 -15.44 -12.25 -16.90
C ASN C 61 -14.61 -12.50 -15.64
N ALA C 62 -15.25 -12.49 -14.49
CA ALA C 62 -14.56 -12.69 -13.22
C ALA C 62 -13.55 -13.83 -13.22
N THR C 63 -13.93 -14.99 -13.73
CA THR C 63 -13.05 -16.16 -13.76
C THR C 63 -11.76 -16.00 -14.58
N SER C 64 -11.70 -15.01 -15.45
CA SER C 64 -10.51 -14.80 -16.28
C SER C 64 -9.70 -13.54 -15.95
N LEU C 65 -10.13 -12.79 -14.95
CA LEU C 65 -9.45 -11.55 -14.60
C LEU C 65 -7.94 -11.72 -14.40
N MET C 66 -7.53 -12.82 -13.77
CA MET C 66 -6.10 -13.06 -13.53
C MET C 66 -5.28 -13.21 -14.81
N GLU C 67 -5.96 -13.42 -15.93
CA GLU C 67 -5.28 -13.57 -17.22
C GLU C 67 -4.79 -12.25 -17.73
N ARG C 68 -5.35 -11.16 -17.21
CA ARG C 68 -4.93 -9.84 -17.65
C ARG C 68 -3.52 -9.54 -17.19
N LEU C 69 -3.09 -10.23 -16.13
CA LEU C 69 -1.76 -9.97 -15.57
C LEU C 69 -0.57 -10.49 -16.39
N ARG C 70 -0.82 -11.18 -17.48
CA ARG C 70 0.27 -11.68 -18.30
C ARG C 70 -0.15 -11.96 -19.73
N PHE C 71 0.77 -11.73 -20.68
CA PHE C 71 0.47 -11.99 -22.08
C PHE C 71 1.40 -13.07 -22.60
N PRO C 72 1.01 -13.76 -23.68
CA PRO C 72 1.84 -14.82 -24.22
C PRO C 72 2.70 -14.59 -25.43
N VAL C 73 3.63 -15.53 -25.61
CA VAL C 73 4.55 -15.61 -26.72
C VAL C 73 4.58 -17.10 -27.01
N SER C 74 4.81 -17.46 -28.26
CA SER C 74 4.85 -18.86 -28.66
C SER C 74 5.54 -18.98 -30.00
N ALA C 75 5.94 -20.19 -30.36
CA ALA C 75 6.62 -20.42 -31.63
C ALA C 75 5.83 -19.83 -32.79
N GLN C 76 6.51 -19.12 -33.67
CA GLN C 76 5.87 -18.46 -34.82
C GLN C 76 6.37 -18.97 -36.16
N ALA C 77 6.13 -18.18 -37.21
CA ALA C 77 6.56 -18.52 -38.55
C ALA C 77 7.70 -17.61 -39.01
N GLY C 78 8.42 -17.01 -38.06
CA GLY C 78 9.55 -16.17 -38.37
C GLY C 78 9.37 -15.02 -39.35
N LYS C 79 8.24 -14.33 -39.26
CA LYS C 79 8.01 -13.21 -40.15
C LYS C 79 8.01 -11.91 -39.37
N GLY C 80 8.77 -11.88 -38.26
CA GLY C 80 8.82 -10.67 -37.44
C GLY C 80 7.41 -10.25 -37.07
N GLU C 81 6.62 -11.24 -36.64
CA GLU C 81 5.23 -11.00 -36.28
C GLU C 81 5.10 -10.11 -35.04
N LEU C 82 3.97 -9.41 -34.94
CA LEU C 82 3.69 -8.53 -33.81
C LEU C 82 3.19 -9.31 -32.62
N CYS C 83 3.68 -8.99 -31.43
CA CYS C 83 3.26 -9.70 -30.24
C CYS C 83 2.22 -8.94 -29.41
N ALA C 84 2.40 -7.64 -29.25
CA ALA C 84 1.47 -6.84 -28.48
C ALA C 84 1.79 -5.36 -28.60
N VAL C 85 0.83 -4.51 -28.27
CA VAL C 85 1.02 -3.06 -28.33
C VAL C 85 0.20 -2.38 -27.23
N PHE C 86 0.63 -1.18 -26.86
CA PHE C 86 -0.09 -0.38 -25.87
C PHE C 86 0.45 1.04 -25.84
N ARG C 87 -0.39 1.98 -25.45
CA ARG C 87 0.04 3.38 -25.37
C ARG C 87 0.90 3.51 -24.13
N ALA C 88 1.86 4.43 -24.16
CA ALA C 88 2.73 4.65 -23.02
C ALA C 88 2.14 5.67 -22.04
N ASP C 89 1.08 6.35 -22.44
CA ASP C 89 0.43 7.35 -21.59
C ASP C 89 0.07 6.68 -20.27
N PRO C 90 0.75 7.06 -19.18
CA PRO C 90 0.54 6.52 -17.83
C PRO C 90 -0.71 6.94 -17.10
N GLY C 91 -1.19 8.14 -17.39
CA GLY C 91 -2.39 8.60 -16.72
C GLY C 91 -3.61 8.52 -17.62
N ARG C 92 -3.56 7.60 -18.59
CA ARG C 92 -4.65 7.42 -19.54
C ARG C 92 -5.30 6.05 -19.34
N ASN C 93 -6.58 5.94 -19.71
CA ASN C 93 -7.30 4.66 -19.56
C ASN C 93 -6.59 3.60 -20.35
N GLY C 94 -6.48 2.43 -19.75
CA GLY C 94 -5.81 1.34 -20.43
C GLY C 94 -4.97 0.53 -19.47
N PRO C 95 -3.95 -0.14 -19.99
CA PRO C 95 -3.03 -0.98 -19.22
C PRO C 95 -2.45 -0.34 -17.97
N TRP C 96 -2.07 0.92 -18.06
CA TRP C 96 -1.46 1.59 -16.92
C TRP C 96 -2.32 1.74 -15.69
N GLN C 97 -3.62 1.60 -15.84
CA GLN C 97 -4.52 1.74 -14.70
C GLN C 97 -4.34 0.66 -13.65
N SER C 98 -3.68 -0.44 -14.01
CA SER C 98 -3.47 -1.53 -13.06
C SER C 98 -2.28 -1.28 -12.15
N THR C 99 -1.45 -0.30 -12.51
CA THR C 99 -0.26 0.02 -11.75
C THR C 99 -0.46 1.10 -10.71
N LEU C 100 0.27 1.00 -9.62
CA LEU C 100 0.19 1.99 -8.56
C LEU C 100 0.59 3.36 -9.12
N LEU C 101 1.53 3.36 -10.06
CA LEU C 101 1.98 4.60 -10.67
C LEU C 101 0.80 5.26 -11.36
N GLY C 102 0.04 4.47 -12.10
CA GLY C 102 -1.10 5.02 -12.82
C GLY C 102 -2.15 5.56 -11.88
N GLN C 103 -2.38 4.87 -10.77
CA GLN C 103 -3.37 5.30 -9.82
C GLN C 103 -2.98 6.60 -9.11
N LEU C 104 -1.74 6.68 -8.63
CA LEU C 104 -1.26 7.86 -7.92
C LEU C 104 -1.25 9.02 -8.91
N CYS C 105 -0.97 8.68 -10.17
CA CYS C 105 -0.94 9.65 -11.24
C CYS C 105 -2.30 10.34 -11.33
N GLY C 106 -3.36 9.60 -11.07
CA GLY C 106 -4.70 10.16 -11.16
C GLY C 106 -5.00 11.27 -10.19
N TYR C 107 -4.15 11.45 -9.18
CA TYR C 107 -4.38 12.51 -8.21
C TYR C 107 -3.61 13.80 -8.54
N TYR C 108 -3.00 13.81 -9.71
CA TYR C 108 -2.22 14.96 -10.17
C TYR C 108 -2.59 15.33 -11.60
N THR C 109 -2.67 16.63 -11.88
CA THR C 109 -3.05 17.09 -13.20
C THR C 109 -1.96 17.01 -14.24
N GLN C 110 -0.72 17.21 -13.80
CA GLN C 110 0.43 17.20 -14.70
C GLN C 110 1.55 16.29 -14.20
N TRP C 111 2.30 15.71 -15.12
CA TRP C 111 3.42 14.85 -14.77
C TRP C 111 4.58 15.11 -15.72
N SER C 112 5.76 14.68 -15.31
CA SER C 112 6.94 14.85 -16.11
C SER C 112 7.99 13.84 -15.68
N GLY C 113 8.64 13.21 -16.66
CA GLY C 113 9.66 12.24 -16.32
C GLY C 113 9.71 11.03 -17.24
N SER C 114 10.78 10.27 -17.14
CA SER C 114 10.95 9.07 -17.96
C SER C 114 10.26 7.93 -17.25
N LEU C 115 9.81 6.93 -18.01
CA LEU C 115 9.13 5.78 -17.43
C LEU C 115 9.93 4.53 -17.79
N GLU C 116 9.64 3.44 -17.10
CA GLU C 116 10.32 2.19 -17.40
C GLU C 116 9.38 1.01 -17.22
N VAL C 117 9.52 0.03 -18.12
CA VAL C 117 8.71 -1.17 -18.08
C VAL C 117 9.68 -2.35 -18.15
N THR C 118 9.62 -3.22 -17.15
CA THR C 118 10.49 -4.37 -17.14
C THR C 118 9.65 -5.59 -17.44
N PHE C 119 10.10 -6.37 -18.42
CA PHE C 119 9.40 -7.57 -18.84
C PHE C 119 10.09 -8.80 -18.32
N MET C 120 9.34 -9.68 -17.69
CA MET C 120 9.90 -10.90 -17.16
C MET C 120 9.34 -12.10 -17.90
N PHE C 121 10.23 -12.91 -18.45
CA PHE C 121 9.83 -14.11 -19.18
C PHE C 121 9.62 -15.25 -18.19
N THR C 122 8.47 -15.92 -18.26
CA THR C 122 8.19 -17.01 -17.33
C THR C 122 8.10 -18.36 -18.02
N GLY C 123 8.68 -18.47 -19.21
CA GLY C 123 8.66 -19.74 -19.92
C GLY C 123 9.60 -20.74 -19.28
N SER C 124 9.76 -21.92 -19.88
CA SER C 124 10.66 -22.91 -19.29
C SER C 124 12.10 -22.49 -19.52
N PHE C 125 12.99 -23.09 -18.73
CA PHE C 125 14.41 -22.79 -18.85
C PHE C 125 14.93 -23.11 -20.24
N MET C 126 14.37 -24.14 -20.87
CA MET C 126 14.81 -24.54 -22.22
C MET C 126 14.31 -23.67 -23.36
N ALA C 127 13.37 -22.78 -23.09
CA ALA C 127 12.84 -21.90 -24.14
C ALA C 127 13.80 -20.74 -24.37
N THR C 128 13.99 -20.35 -25.62
CA THR C 128 14.88 -19.23 -25.92
C THR C 128 14.19 -18.30 -26.89
N GLY C 129 14.80 -17.17 -27.16
CA GLY C 129 14.20 -16.23 -28.08
C GLY C 129 14.71 -14.81 -27.97
N LYS C 130 14.45 -14.02 -29.02
CA LYS C 130 14.84 -12.62 -29.05
C LYS C 130 13.62 -11.80 -29.49
N MET C 131 13.28 -10.79 -28.68
CA MET C 131 12.15 -9.90 -28.99
C MET C 131 12.67 -8.49 -29.20
N LEU C 132 11.93 -7.71 -29.97
CA LEU C 132 12.28 -6.32 -30.25
C LEU C 132 11.14 -5.51 -29.62
N ILE C 133 11.47 -4.68 -28.65
CA ILE C 133 10.47 -3.85 -27.98
C ILE C 133 10.75 -2.41 -28.34
N ALA C 134 9.77 -1.76 -28.94
CA ALA C 134 9.96 -0.39 -29.37
C ALA C 134 9.03 0.64 -28.75
N TYR C 135 9.55 1.86 -28.67
CA TYR C 135 8.81 2.99 -28.15
C TYR C 135 8.77 4.02 -29.27
N THR C 136 7.57 4.34 -29.73
CA THR C 136 7.40 5.30 -30.81
C THR C 136 6.91 6.63 -30.27
N PRO C 137 7.78 7.65 -30.26
CA PRO C 137 7.46 8.99 -29.77
C PRO C 137 6.22 9.54 -30.47
N PRO C 138 5.65 10.64 -29.95
CA PRO C 138 4.46 11.22 -30.57
C PRO C 138 4.57 11.47 -32.07
N GLY C 139 3.44 11.37 -32.77
CA GLY C 139 3.45 11.59 -34.20
C GLY C 139 3.60 10.34 -35.03
N GLY C 140 4.24 9.33 -34.46
CA GLY C 140 4.42 8.09 -35.19
C GLY C 140 3.23 7.17 -34.99
N PRO C 141 2.51 6.82 -36.07
CA PRO C 141 1.35 5.94 -36.00
C PRO C 141 1.75 4.52 -35.65
N LEU C 142 0.80 3.71 -35.22
CA LEU C 142 1.09 2.33 -34.85
C LEU C 142 1.92 1.68 -35.96
N PRO C 143 3.17 1.31 -35.66
CA PRO C 143 4.04 0.68 -36.65
C PRO C 143 3.36 -0.49 -37.35
N LYS C 144 3.28 -0.44 -38.67
CA LYS C 144 2.63 -1.50 -39.45
C LYS C 144 3.45 -2.79 -39.44
N ASP C 145 4.77 -2.66 -39.31
CA ASP C 145 5.64 -3.82 -39.31
C ASP C 145 6.84 -3.56 -38.43
N ARG C 146 7.60 -4.62 -38.16
CA ARG C 146 8.78 -4.52 -37.32
C ARG C 146 9.82 -3.55 -37.88
N ALA C 147 9.94 -3.50 -39.20
CA ALA C 147 10.90 -2.61 -39.83
C ALA C 147 10.63 -1.15 -39.50
N THR C 148 9.35 -0.80 -39.38
CA THR C 148 8.95 0.57 -39.07
C THR C 148 9.15 0.89 -37.60
N ALA C 149 8.80 -0.06 -36.74
CA ALA C 149 8.92 0.12 -35.30
C ALA C 149 10.39 0.28 -34.94
N MET C 150 11.23 -0.48 -35.62
CA MET C 150 12.67 -0.47 -35.40
C MET C 150 13.32 0.92 -35.55
N LEU C 151 12.63 1.85 -36.19
CA LEU C 151 13.18 3.19 -36.40
C LEU C 151 13.11 4.09 -35.17
N GLY C 152 12.38 3.65 -34.15
CA GLY C 152 12.26 4.42 -32.93
C GLY C 152 13.16 3.92 -31.83
N THR C 153 12.87 4.34 -30.60
CA THR C 153 13.67 3.92 -29.45
C THR C 153 13.32 2.49 -29.14
N HIS C 154 14.32 1.63 -29.03
CA HIS C 154 14.00 0.23 -28.76
C HIS C 154 15.09 -0.59 -28.12
N VAL C 155 14.71 -1.81 -27.75
CA VAL C 155 15.61 -2.73 -27.09
C VAL C 155 15.42 -4.09 -27.73
N ILE C 156 16.50 -4.83 -27.88
CA ILE C 156 16.42 -6.16 -28.43
C ILE C 156 16.73 -7.09 -27.27
N TRP C 157 15.70 -7.80 -26.84
CA TRP C 157 15.76 -8.70 -25.69
C TRP C 157 16.13 -10.14 -26.04
N ASP C 158 17.09 -10.69 -25.30
CA ASP C 158 17.55 -12.06 -25.50
C ASP C 158 17.26 -12.86 -24.22
N PHE C 159 16.51 -13.95 -24.35
CA PHE C 159 16.16 -14.77 -23.20
C PHE C 159 17.38 -15.52 -22.68
N GLY C 160 17.52 -15.60 -21.37
CA GLY C 160 18.65 -16.29 -20.77
C GLY C 160 18.51 -16.33 -19.26
N LEU C 161 19.61 -16.57 -18.55
CA LEU C 161 19.58 -16.63 -17.08
C LEU C 161 18.88 -15.42 -16.48
N GLN C 162 19.09 -14.27 -17.13
CA GLN C 162 18.46 -13.03 -16.68
C GLN C 162 17.07 -13.08 -17.28
N SER C 163 16.10 -13.38 -16.44
CA SER C 163 14.72 -13.49 -16.88
C SER C 163 14.10 -12.24 -17.44
N SER C 164 14.56 -11.07 -16.98
CA SER C 164 13.94 -9.83 -17.42
C SER C 164 14.79 -8.84 -18.21
N VAL C 165 14.11 -7.86 -18.80
CA VAL C 165 14.77 -6.81 -19.56
C VAL C 165 13.98 -5.53 -19.28
N THR C 166 14.64 -4.38 -19.39
CA THR C 166 13.97 -3.12 -19.12
C THR C 166 13.92 -2.19 -20.30
N LEU C 167 12.71 -1.77 -20.65
CA LEU C 167 12.53 -0.82 -21.74
C LEU C 167 12.41 0.52 -21.06
N VAL C 168 13.26 1.46 -21.42
CA VAL C 168 13.13 2.76 -20.83
C VAL C 168 12.34 3.59 -21.79
N ILE C 169 11.31 4.25 -21.29
CA ILE C 169 10.48 5.13 -22.13
C ILE C 169 10.94 6.52 -21.71
N PRO C 170 12.04 7.00 -22.34
CA PRO C 170 12.62 8.30 -22.05
C PRO C 170 11.67 9.46 -22.25
N TRP C 171 11.83 10.48 -21.42
CA TRP C 171 11.00 11.66 -21.53
C TRP C 171 11.36 12.42 -22.80
N ILE C 172 10.44 12.40 -23.76
CA ILE C 172 10.62 13.08 -25.03
C ILE C 172 9.32 13.84 -25.25
N SER C 173 9.29 15.09 -24.82
CA SER C 173 8.10 15.91 -24.93
C SER C 173 8.48 17.29 -25.42
N ASN C 174 7.48 18.03 -25.85
CA ASN C 174 7.73 19.38 -26.32
C ASN C 174 7.58 20.31 -25.12
N THR C 175 6.71 19.93 -24.19
CA THR C 175 6.45 20.71 -22.99
C THR C 175 7.18 20.11 -21.80
N HIS C 176 7.43 20.91 -20.77
CA HIS C 176 8.13 20.41 -19.58
C HIS C 176 7.29 19.41 -18.80
N TYR C 177 5.97 19.56 -18.89
CA TYR C 177 5.03 18.67 -18.23
C TYR C 177 3.94 18.28 -19.21
N ARG C 178 3.32 17.13 -18.98
CA ARG C 178 2.22 16.64 -19.81
C ARG C 178 1.01 16.56 -18.90
N ALA C 179 -0.16 16.90 -19.41
CA ALA C 179 -1.36 16.78 -18.61
C ALA C 179 -1.81 15.37 -18.99
N HIS C 180 -2.87 14.87 -18.37
CA HIS C 180 -3.33 13.54 -18.72
C HIS C 180 -3.88 13.55 -20.12
N ALA C 181 -3.38 12.64 -20.95
CA ALA C 181 -3.82 12.56 -22.33
C ALA C 181 -5.09 11.75 -22.46
N ARG C 182 -5.89 12.13 -23.44
CA ARG C 182 -7.14 11.46 -23.76
C ARG C 182 -7.57 11.87 -25.16
N ASP C 183 -8.45 11.09 -25.77
CA ASP C 183 -8.92 11.40 -27.12
C ASP C 183 -9.41 12.84 -27.15
N GLY C 184 -9.07 13.56 -28.22
CA GLY C 184 -9.47 14.95 -28.32
C GLY C 184 -8.26 15.87 -28.41
N VAL C 185 -8.42 17.14 -28.08
CA VAL C 185 -7.29 18.05 -28.17
C VAL C 185 -6.22 17.68 -27.15
N PHE C 186 -6.60 16.95 -26.11
CA PHE C 186 -5.62 16.57 -25.11
C PHE C 186 -4.70 15.44 -25.53
N ASP C 187 -4.86 14.97 -26.75
CA ASP C 187 -4.01 13.90 -27.26
C ASP C 187 -2.66 14.55 -27.54
N TYR C 188 -2.64 15.88 -27.41
CA TYR C 188 -1.46 16.70 -27.59
C TYR C 188 -0.38 16.27 -26.59
N TYR C 189 -0.83 15.76 -25.45
CA TYR C 189 0.07 15.31 -24.38
C TYR C 189 0.34 13.82 -24.41
N THR C 190 0.03 13.16 -25.52
CA THR C 190 0.27 11.73 -25.57
C THR C 190 1.77 11.46 -25.51
N THR C 191 2.12 10.35 -24.88
CA THR C 191 3.50 9.93 -24.71
C THR C 191 4.00 9.10 -25.89
N GLY C 192 3.11 8.31 -26.48
CA GLY C 192 3.53 7.49 -27.60
C GLY C 192 3.00 6.07 -27.55
N LEU C 193 3.66 5.19 -28.30
CA LEU C 193 3.26 3.78 -28.36
C LEU C 193 4.42 2.84 -28.05
N VAL C 194 4.08 1.67 -27.53
CA VAL C 194 5.07 0.66 -27.23
C VAL C 194 4.60 -0.58 -27.98
N SER C 195 5.46 -1.15 -28.83
CA SER C 195 5.10 -2.35 -29.56
C SER C 195 6.16 -3.43 -29.36
N ILE C 196 5.70 -4.67 -29.30
CA ILE C 196 6.60 -5.79 -29.09
C ILE C 196 6.55 -6.74 -30.28
N TRP C 197 7.72 -7.04 -30.83
CA TRP C 197 7.82 -7.90 -32.00
C TRP C 197 8.77 -9.06 -31.80
N TYR C 198 8.63 -10.08 -32.64
CA TYR C 198 9.53 -11.22 -32.57
C TYR C 198 10.74 -10.88 -33.42
N GLN C 199 11.92 -10.85 -32.81
CA GLN C 199 13.14 -10.55 -33.53
C GLN C 199 13.61 -11.82 -34.22
N THR C 200 13.59 -12.91 -33.47
CA THR C 200 13.98 -14.22 -33.98
C THR C 200 12.69 -15.04 -33.95
N ASN C 201 12.57 -15.87 -32.92
CA ASN C 201 11.41 -16.73 -32.74
C ASN C 201 11.53 -17.42 -31.40
N TYR C 202 10.40 -17.83 -30.85
CA TYR C 202 10.38 -18.54 -29.58
C TYR C 202 10.72 -19.98 -29.99
N VAL C 203 11.89 -20.44 -29.56
CA VAL C 203 12.34 -21.78 -29.90
C VAL C 203 12.34 -22.63 -28.65
N VAL C 204 11.94 -23.89 -28.80
CA VAL C 204 11.89 -24.78 -27.66
C VAL C 204 12.15 -26.20 -28.16
N PRO C 205 12.75 -27.05 -27.32
CA PRO C 205 13.01 -28.41 -27.78
C PRO C 205 11.82 -29.32 -27.54
N ILE C 206 11.99 -30.59 -27.82
CA ILE C 206 10.93 -31.54 -27.61
C ILE C 206 10.70 -31.64 -26.11
N GLY C 207 9.45 -31.71 -25.69
CA GLY C 207 9.17 -31.85 -24.27
C GLY C 207 8.90 -30.61 -23.44
N ALA C 208 8.90 -29.45 -24.08
CA ALA C 208 8.64 -28.20 -23.37
C ALA C 208 7.47 -27.46 -24.01
N PRO C 209 6.64 -26.80 -23.19
CA PRO C 209 5.47 -26.05 -23.63
C PRO C 209 5.74 -25.12 -24.81
N ASN C 210 4.81 -25.08 -25.77
CA ASN C 210 4.96 -24.24 -26.96
C ASN C 210 4.46 -22.85 -26.71
N THR C 211 3.97 -22.62 -25.50
CA THR C 211 3.45 -21.31 -25.12
C THR C 211 3.90 -20.97 -23.71
N ALA C 212 4.39 -19.75 -23.54
CA ALA C 212 4.85 -19.27 -22.25
C ALA C 212 4.30 -17.86 -22.11
N TYR C 213 4.39 -17.30 -20.91
CA TYR C 213 3.88 -15.95 -20.69
C TYR C 213 4.93 -14.95 -20.24
N ILE C 214 4.63 -13.67 -20.47
CA ILE C 214 5.52 -12.60 -20.06
C ILE C 214 4.74 -11.71 -19.10
N ILE C 215 5.39 -11.27 -18.03
CA ILE C 215 4.74 -10.40 -17.06
C ILE C 215 5.44 -9.05 -17.13
N ALA C 216 4.65 -7.99 -17.26
CA ALA C 216 5.22 -6.65 -17.36
C ALA C 216 5.06 -5.87 -16.07
N LEU C 217 6.17 -5.29 -15.63
CA LEU C 217 6.21 -4.50 -14.41
C LEU C 217 6.64 -3.09 -14.80
N ALA C 218 5.86 -2.09 -14.38
CA ALA C 218 6.18 -0.72 -14.73
C ALA C 218 6.26 0.22 -13.54
N ALA C 219 7.11 1.24 -13.67
CA ALA C 219 7.33 2.25 -12.65
C ALA C 219 7.93 3.48 -13.30
N ALA C 220 8.26 4.46 -12.47
CA ALA C 220 8.85 5.70 -12.97
C ALA C 220 10.34 5.79 -12.66
N GLN C 221 11.04 6.57 -13.47
CA GLN C 221 12.46 6.82 -13.33
C GLN C 221 12.65 7.90 -12.25
N LYS C 222 13.89 8.13 -11.83
CA LYS C 222 14.15 9.11 -10.80
C LYS C 222 13.98 10.58 -11.20
N ASN C 223 13.66 10.85 -12.46
CA ASN C 223 13.49 12.24 -12.89
C ASN C 223 12.00 12.59 -12.97
N PHE C 224 11.18 11.64 -12.56
CA PHE C 224 9.72 11.76 -12.58
C PHE C 224 9.20 12.60 -11.42
N THR C 225 8.25 13.48 -11.72
CA THR C 225 7.61 14.31 -10.71
C THR C 225 6.19 14.61 -11.20
N MET C 226 5.34 15.04 -10.29
CA MET C 226 3.96 15.35 -10.65
C MET C 226 3.57 16.67 -9.99
N LYS C 227 2.55 17.35 -10.51
CA LYS C 227 2.12 18.60 -9.89
C LYS C 227 0.66 18.94 -10.20
N LEU C 228 0.14 19.90 -9.45
CA LEU C 228 -1.24 20.34 -9.56
C LEU C 228 -2.17 19.23 -9.12
N CYS C 229 -2.23 19.08 -7.81
CA CYS C 229 -3.03 18.08 -7.11
C CYS C 229 -4.51 18.15 -7.52
N LYS C 230 -5.11 17.01 -7.85
CA LYS C 230 -6.53 17.00 -8.22
C LYS C 230 -7.21 15.73 -7.73
N ASP C 231 -8.52 15.67 -7.84
CA ASP C 231 -9.23 14.47 -7.42
C ASP C 231 -9.17 13.45 -8.52
N ALA C 232 -9.08 12.18 -8.13
CA ALA C 232 -9.01 11.10 -9.09
C ALA C 232 -10.33 10.99 -9.85
N SER C 233 -10.25 10.46 -11.07
CA SER C 233 -11.41 10.30 -11.94
C SER C 233 -12.45 9.31 -11.44
N ASP C 234 -12.05 8.43 -10.52
CA ASP C 234 -13.00 7.45 -9.98
C ASP C 234 -13.46 7.80 -8.57
N ILE C 235 -14.70 7.42 -8.27
CA ILE C 235 -15.26 7.60 -6.94
C ILE C 235 -15.90 6.25 -6.68
N LEU C 236 -15.24 5.45 -5.85
CA LEU C 236 -15.68 4.10 -5.55
C LEU C 236 -16.82 3.90 -4.57
N GLN C 237 -17.97 4.45 -4.93
CA GLN C 237 -19.15 4.32 -4.10
C GLN C 237 -20.36 4.63 -4.99
N THR C 238 -21.43 3.87 -4.80
CA THR C 238 -22.66 4.02 -5.58
C THR C 238 -23.68 4.81 -4.78
N GLY C 239 -24.10 4.23 -3.67
CA GLY C 239 -25.04 4.90 -2.81
C GLY C 239 -24.27 5.27 -1.56
N THR C 240 -24.97 5.44 -0.46
CA THR C 240 -24.28 5.78 0.77
C THR C 240 -23.60 4.53 1.28
N ILE C 241 -22.43 4.70 1.88
CA ILE C 241 -21.67 3.59 2.46
C ILE C 241 -22.19 3.45 3.88
N GLN C 242 -22.75 2.29 4.21
CA GLN C 242 -23.32 2.12 5.54
C GLN C 242 -22.50 1.30 6.53
N SER D 12 8.03 30.85 19.90
CA SER D 12 7.09 30.92 21.05
C SER D 12 7.41 29.84 22.09
N HIS D 13 6.84 29.97 23.29
CA HIS D 13 7.05 29.00 24.37
C HIS D 13 5.74 28.27 24.59
N GLU D 14 5.49 27.27 23.73
CA GLU D 14 4.26 26.49 23.77
C GLU D 14 4.46 25.02 24.15
N ASN D 15 3.37 24.26 24.16
CA ASN D 15 3.39 22.82 24.47
C ASN D 15 3.84 22.10 23.20
N SER D 16 4.42 20.92 23.36
CA SER D 16 4.87 20.15 22.21
C SER D 16 3.92 18.98 21.93
N ASN D 17 2.67 19.32 21.62
CA ASN D 17 1.65 18.31 21.35
C ASN D 17 1.27 18.06 19.88
N SER D 18 2.20 18.36 18.98
CA SER D 18 1.99 18.16 17.56
C SER D 18 2.19 16.67 17.22
N ALA D 19 1.40 16.15 16.29
CA ALA D 19 1.51 14.75 15.92
C ALA D 19 2.87 14.39 15.31
N THR D 20 3.61 15.42 14.88
CA THR D 20 4.94 15.23 14.27
C THR D 20 6.11 15.66 15.14
N GLU D 21 5.89 15.79 16.44
CA GLU D 21 6.97 16.18 17.36
C GLU D 21 8.03 15.08 17.33
N GLY D 22 9.25 15.44 16.97
CA GLY D 22 10.33 14.46 16.91
C GLY D 22 10.35 13.65 15.61
N SER D 23 10.24 14.34 14.48
CA SER D 23 10.24 13.69 13.18
C SER D 23 11.56 13.96 12.45
N THR D 24 12.00 13.00 11.64
CA THR D 24 13.24 13.12 10.88
C THR D 24 13.20 14.28 9.89
N ILE D 25 11.99 14.80 9.65
CA ILE D 25 11.80 15.93 8.75
C ILE D 25 11.23 17.09 9.56
N ASN D 26 12.01 18.18 9.67
CA ASN D 26 11.58 19.36 10.41
C ASN D 26 10.61 20.22 9.62
N TYR D 27 9.71 20.88 10.34
CA TYR D 27 8.70 21.72 9.72
C TYR D 27 8.87 23.20 10.08
N THR D 28 8.31 24.07 9.23
CA THR D 28 8.34 25.51 9.46
C THR D 28 6.86 25.97 9.48
N THR D 29 6.34 26.22 10.68
CA THR D 29 4.92 26.57 10.85
C THR D 29 4.55 27.85 11.62
N ILE D 30 3.27 28.18 11.58
CA ILE D 30 2.73 29.35 12.26
C ILE D 30 1.68 28.92 13.31
N ASN D 31 1.58 29.66 14.41
CA ASN D 31 0.63 29.32 15.47
C ASN D 31 0.42 30.50 16.42
N TYR D 32 -0.76 30.59 17.02
CA TYR D 32 -1.08 31.68 17.95
C TYR D 32 -1.55 31.14 19.30
N TYR D 33 -1.68 29.81 19.39
CA TYR D 33 -2.15 29.15 20.60
C TYR D 33 -1.04 28.43 21.34
N LYS D 34 -1.30 28.06 22.59
CA LYS D 34 -0.29 27.38 23.40
C LYS D 34 -0.10 25.91 23.07
N ASP D 35 -0.95 25.37 22.21
CA ASP D 35 -0.84 23.96 21.84
C ASP D 35 -0.36 23.87 20.39
N SER D 36 0.82 23.27 20.18
CA SER D 36 1.40 23.19 18.85
C SER D 36 0.57 22.51 17.76
N TYR D 37 -0.34 21.62 18.12
CA TYR D 37 -1.12 20.95 17.09
C TYR D 37 -2.10 21.90 16.39
N ALA D 38 -2.26 23.10 16.94
CA ALA D 38 -3.16 24.09 16.35
C ALA D 38 -2.47 24.77 15.17
N ALA D 39 -1.16 24.64 15.14
CA ALA D 39 -0.33 25.25 14.12
C ALA D 39 -0.70 24.80 12.70
N THR D 40 -0.19 25.55 11.73
CA THR D 40 -0.43 25.26 10.32
C THR D 40 0.33 24.02 9.88
N ALA D 41 0.08 23.54 8.67
CA ALA D 41 0.75 22.36 8.15
C ALA D 41 2.18 22.72 7.80
N GLY D 42 2.33 23.96 7.30
CA GLY D 42 3.64 24.47 6.92
C GLY D 42 4.32 23.78 5.77
N LYS D 43 5.64 23.81 5.78
CA LYS D 43 6.46 23.17 4.76
C LYS D 43 7.16 21.97 5.39
N GLN D 44 7.17 20.84 4.68
CA GLN D 44 7.84 19.64 5.16
C GLN D 44 9.22 19.62 4.52
N SER D 45 10.10 18.73 4.99
CA SER D 45 11.43 18.66 4.41
C SER D 45 11.36 17.66 3.27
N LEU D 46 12.12 17.93 2.22
CA LEU D 46 12.10 17.07 1.04
C LEU D 46 13.13 15.94 0.98
N LYS D 47 13.02 14.99 1.88
CA LYS D 47 13.92 13.83 1.88
C LYS D 47 13.09 12.68 1.30
N GLN D 48 13.76 11.72 0.70
CA GLN D 48 13.10 10.57 0.11
C GLN D 48 13.97 9.34 0.24
N ASP D 49 13.35 8.18 0.45
CA ASP D 49 14.09 6.93 0.56
C ASP D 49 13.39 5.87 -0.26
N PRO D 50 13.49 5.97 -1.59
CA PRO D 50 12.85 5.01 -2.49
C PRO D 50 13.30 3.57 -2.27
N ASP D 51 14.59 3.38 -2.02
CA ASP D 51 15.13 2.04 -1.84
C ASP D 51 14.44 1.19 -0.80
N LYS D 52 13.89 1.83 0.23
CA LYS D 52 13.16 1.15 1.30
C LYS D 52 12.07 0.25 0.71
N PHE D 53 11.53 0.65 -0.44
CA PHE D 53 10.46 -0.08 -1.10
C PHE D 53 10.87 -0.67 -2.45
N ALA D 54 11.65 0.08 -3.19
CA ALA D 54 12.06 -0.35 -4.53
C ALA D 54 13.28 -1.25 -4.59
N ASN D 55 14.11 -1.22 -3.55
CA ASN D 55 15.31 -2.04 -3.57
C ASN D 55 15.69 -2.54 -2.18
N PRO D 56 14.78 -3.24 -1.50
CA PRO D 56 15.02 -3.76 -0.14
C PRO D 56 15.85 -5.06 -0.11
N VAL D 57 16.87 -5.15 -0.94
CA VAL D 57 17.72 -6.35 -1.00
C VAL D 57 18.89 -6.28 -0.04
N LYS D 58 19.25 -7.45 0.50
CA LYS D 58 20.37 -7.56 1.43
C LYS D 58 21.71 -7.26 0.74
N ASP D 59 22.07 -8.10 -0.23
CA ASP D 59 23.32 -7.95 -0.98
C ASP D 59 23.01 -7.21 -2.29
N ILE D 60 23.16 -5.88 -2.28
CA ILE D 60 22.88 -5.05 -3.45
C ILE D 60 23.64 -5.46 -4.73
N PHE D 61 22.93 -5.46 -5.87
CA PHE D 61 23.51 -5.82 -7.16
C PHE D 61 23.65 -4.61 -8.10
N THR D 62 24.85 -4.42 -8.65
CA THR D 62 25.14 -3.29 -9.54
C THR D 62 24.24 -3.20 -10.77
N GLU D 63 24.36 -2.11 -11.52
CA GLU D 63 23.56 -1.89 -12.73
C GLU D 63 24.23 -2.57 -13.92
N MET D 64 25.54 -2.37 -14.02
CA MET D 64 26.36 -2.93 -15.11
C MET D 64 26.40 -4.47 -15.10
N ALA D 65 26.49 -5.05 -13.91
CA ALA D 65 26.55 -6.49 -13.78
C ALA D 65 25.19 -7.17 -13.95
N ALA D 66 25.23 -8.48 -14.13
CA ALA D 66 24.00 -9.26 -14.28
C ALA D 66 23.52 -9.62 -12.86
N PRO D 67 22.27 -9.24 -12.51
CA PRO D 67 21.64 -9.49 -11.21
C PRO D 67 21.77 -10.87 -10.53
N LEU D 68 22.00 -11.92 -11.33
CA LEU D 68 22.14 -13.28 -10.78
C LEU D 68 23.54 -13.86 -10.99
N LYS D 69 24.47 -13.54 -10.09
CA LYS D 69 25.85 -14.02 -10.17
C LYS D 69 26.03 -15.33 -9.39
#